data_1W5F
#
_entry.id   1W5F
#
_cell.length_a   181.510
_cell.length_b   60.970
_cell.length_c   66.790
_cell.angle_alpha   90.00
_cell.angle_beta   90.00
_cell.angle_gamma   90.00
#
_symmetry.space_group_name_H-M   'P 21 21 2'
#
loop_
_entity.id
_entity.type
_entity.pdbx_description
1 polymer 'CELL DIVISION PROTEIN FTSZ'
2 non-polymer 'PHOSPHOMETHYLPHOSPHONIC ACID GUANYLATE ESTER'
3 non-polymer 'MAGNESIUM ION'
4 water water
#
_entity_poly.entity_id   1
_entity_poly.type   'polypeptide(L)'
_entity_poly.pdbx_seq_one_letter_code
;MGFDLDVEKKKENRNIPQANNLKIKVIGVGGAGNNAINRMIEIGIHGVEFVAVNTDLQVLEASNADVKIQIGENITRGLG
AGGRPEIGEQAALESEEKIREVLQDTHMVFITAGFGGGTGTGASPVIAKIAKEMGILTVAIVTTPFYFEGPERLKKAIEG
LKKLRKHVDTLIKISNNKLMEELPRDVKIKDAFLKADETLHQGVKGISELITKRGYIRLTSRFARIESVMKDAGAAILGI
GVGKGEHRAREAAKKAMESKLIEHPVENASSIVFNITAPSNIRMEEVHEAAMIIRQNSSEDADVKFGLIFDDEVPDDEIR
VIFIATRFPDEDKILFPEGDIPAIYRYGLEGLL
;
_entity_poly.pdbx_strand_id   A,B
#
loop_
_chem_comp.id
_chem_comp.type
_chem_comp.name
_chem_comp.formula
G2P non-polymer 'PHOSPHOMETHYLPHOSPHONIC ACID GUANYLATE ESTER' 'C11 H18 N5 O13 P3'
MG non-polymer 'MAGNESIUM ION' 'Mg 2'
#
# COMPACT_ATOMS: atom_id res chain seq x y z
N LEU A 22 -12.89 -10.29 10.86
CA LEU A 22 -11.93 -11.43 11.01
C LEU A 22 -11.63 -11.74 12.47
N LYS A 23 -11.94 -12.96 12.88
CA LYS A 23 -11.72 -13.39 14.25
C LYS A 23 -10.50 -14.32 14.34
N ILE A 24 -9.45 -13.82 15.00
CA ILE A 24 -8.21 -14.56 15.18
C ILE A 24 -7.94 -14.85 16.66
N LYS A 25 -7.61 -16.10 16.97
CA LYS A 25 -7.31 -16.47 18.34
C LYS A 25 -5.94 -17.12 18.49
N VAL A 26 -5.24 -16.71 19.54
CA VAL A 26 -3.91 -17.22 19.87
C VAL A 26 -4.10 -18.10 21.09
N ILE A 27 -3.84 -19.39 20.94
CA ILE A 27 -4.01 -20.33 22.04
C ILE A 27 -2.67 -20.85 22.56
N GLY A 28 -2.37 -20.52 23.82
CA GLY A 28 -1.14 -20.97 24.45
C GLY A 28 -1.46 -22.23 25.25
N VAL A 29 -0.82 -23.33 24.90
CA VAL A 29 -1.07 -24.61 25.55
C VAL A 29 0.09 -25.11 26.43
N GLY A 30 -0.21 -25.33 27.71
CA GLY A 30 0.80 -25.79 28.63
C GLY A 30 1.55 -24.61 29.24
N GLY A 31 2.52 -24.91 30.11
CA GLY A 31 3.30 -23.86 30.76
C GLY A 31 4.01 -22.90 29.83
N ALA A 32 4.82 -23.42 28.92
CA ALA A 32 5.56 -22.59 27.98
C ALA A 32 4.59 -21.75 27.16
N GLY A 33 3.52 -22.38 26.70
CA GLY A 33 2.53 -21.68 25.90
C GLY A 33 1.87 -20.58 26.70
N ASN A 34 1.55 -20.86 27.97
CA ASN A 34 0.94 -19.88 28.83
C ASN A 34 1.92 -18.72 29.04
N ASN A 35 3.18 -19.04 29.33
CA ASN A 35 4.17 -18.01 29.55
C ASN A 35 4.40 -17.16 28.30
N ALA A 36 4.40 -17.81 27.14
CA ALA A 36 4.62 -17.10 25.88
C ALA A 36 3.51 -16.11 25.55
N ILE A 37 2.25 -16.50 25.72
CA ILE A 37 1.17 -15.59 25.39
C ILE A 37 1.06 -14.43 26.38
N ASN A 38 1.50 -14.63 27.61
CA ASN A 38 1.45 -13.53 28.57
C ASN A 38 2.40 -12.43 28.08
N ARG A 39 3.52 -12.84 27.49
CA ARG A 39 4.48 -11.88 26.95
C ARG A 39 3.85 -11.18 25.75
N MET A 40 3.15 -11.95 24.92
CA MET A 40 2.47 -11.38 23.74
C MET A 40 1.43 -10.37 24.20
N ILE A 41 0.75 -10.70 25.29
CA ILE A 41 -0.29 -9.84 25.85
C ILE A 41 0.30 -8.53 26.41
N GLU A 42 1.44 -8.65 27.09
CA GLU A 42 2.10 -7.48 27.67
C GLU A 42 2.62 -6.57 26.57
N ILE A 43 3.33 -7.13 25.60
CA ILE A 43 3.87 -6.35 24.49
C ILE A 43 2.73 -5.87 23.62
N GLY A 44 1.84 -6.79 23.26
CA GLY A 44 0.69 -6.44 22.46
C GLY A 44 0.71 -6.94 21.02
N ILE A 45 -0.43 -7.47 20.58
CA ILE A 45 -0.60 -7.95 19.21
C ILE A 45 -1.98 -7.45 18.82
N HIS A 46 -2.01 -6.60 17.80
CA HIS A 46 -3.28 -6.01 17.36
C HIS A 46 -4.33 -6.93 16.78
N GLY A 47 -5.56 -6.73 17.22
CA GLY A 47 -6.71 -7.49 16.73
C GLY A 47 -6.87 -8.98 16.98
N VAL A 48 -6.17 -9.56 17.95
CA VAL A 48 -6.34 -10.98 18.22
C VAL A 48 -6.84 -11.24 19.64
N GLU A 49 -7.50 -12.38 19.82
CA GLU A 49 -8.02 -12.80 21.12
C GLU A 49 -7.05 -13.85 21.68
N PHE A 50 -6.84 -13.83 22.99
CA PHE A 50 -5.92 -14.77 23.64
C PHE A 50 -6.62 -15.81 24.51
N VAL A 51 -6.20 -17.06 24.38
CA VAL A 51 -6.77 -18.17 25.16
C VAL A 51 -5.65 -19.00 25.80
N ALA A 52 -5.74 -19.18 27.12
CA ALA A 52 -4.75 -19.96 27.85
C ALA A 52 -5.37 -21.32 28.16
N VAL A 53 -4.62 -22.39 27.92
CA VAL A 53 -5.08 -23.76 28.16
C VAL A 53 -4.03 -24.50 28.97
N ASN A 54 -4.45 -25.18 30.03
CA ASN A 54 -3.50 -25.93 30.84
C ASN A 54 -4.21 -26.89 31.79
N THR A 55 -3.46 -27.88 32.25
CA THR A 55 -3.95 -28.86 33.21
C THR A 55 -3.57 -28.25 34.57
N ASP A 56 -2.50 -27.46 34.55
CA ASP A 56 -1.92 -26.77 35.70
C ASP A 56 -2.76 -25.55 36.08
N LEU A 57 -3.62 -25.68 37.08
CA LEU A 57 -4.47 -24.57 37.49
C LEU A 57 -3.73 -23.33 38.01
N GLN A 58 -2.68 -23.55 38.78
CA GLN A 58 -1.92 -22.43 39.34
C GLN A 58 -1.34 -21.55 38.23
N VAL A 59 -0.74 -22.18 37.22
CA VAL A 59 -0.17 -21.40 36.12
C VAL A 59 -1.29 -20.71 35.32
N LEU A 60 -2.41 -21.39 35.16
CA LEU A 60 -3.54 -20.85 34.41
C LEU A 60 -4.07 -19.58 35.08
N GLU A 61 -4.10 -19.58 36.41
CA GLU A 61 -4.60 -18.43 37.16
C GLU A 61 -3.70 -17.20 37.05
N ALA A 62 -2.46 -17.41 36.62
CA ALA A 62 -1.52 -16.31 36.46
C ALA A 62 -1.57 -15.71 35.05
N SER A 63 -2.48 -16.23 34.24
CA SER A 63 -2.62 -15.77 32.85
C SER A 63 -3.44 -14.51 32.68
N ASN A 64 -3.04 -13.66 31.72
CA ASN A 64 -3.76 -12.44 31.44
C ASN A 64 -4.56 -12.58 30.14
N ALA A 65 -4.79 -13.83 29.74
CA ALA A 65 -5.55 -14.11 28.51
C ALA A 65 -7.02 -13.75 28.66
N ASP A 66 -7.71 -13.60 27.53
CA ASP A 66 -9.12 -13.26 27.54
C ASP A 66 -9.94 -14.44 28.07
N VAL A 67 -9.51 -15.65 27.72
CA VAL A 67 -10.18 -16.86 28.17
C VAL A 67 -9.16 -17.84 28.73
N LYS A 68 -9.51 -18.46 29.86
CA LYS A 68 -8.65 -19.45 30.51
C LYS A 68 -9.42 -20.76 30.51
N ILE A 69 -8.84 -21.81 29.93
CA ILE A 69 -9.51 -23.10 29.89
C ILE A 69 -8.73 -24.16 30.65
N GLN A 70 -9.29 -24.65 31.74
CA GLN A 70 -8.63 -25.71 32.49
C GLN A 70 -9.09 -27.02 31.89
N ILE A 71 -8.14 -27.85 31.46
CA ILE A 71 -8.51 -29.14 30.88
C ILE A 71 -8.09 -30.27 31.80
N GLY A 72 -8.76 -31.41 31.65
CA GLY A 72 -8.45 -32.57 32.47
C GLY A 72 -8.64 -32.37 33.96
N GLU A 73 -9.68 -31.65 34.35
CA GLU A 73 -9.92 -31.41 35.77
C GLU A 73 -10.09 -32.72 36.53
N ASN A 74 -10.67 -33.73 35.88
CA ASN A 74 -10.84 -35.01 36.56
C ASN A 74 -9.58 -35.87 36.49
N ILE A 75 -8.85 -35.81 35.39
CA ILE A 75 -7.66 -36.62 35.24
C ILE A 75 -6.42 -36.14 36.02
N THR A 76 -6.16 -34.83 36.05
CA THR A 76 -4.99 -34.32 36.78
C THR A 76 -5.37 -33.53 38.03
N ARG A 77 -6.66 -33.24 38.19
CA ARG A 77 -7.14 -32.50 39.36
C ARG A 77 -6.41 -31.18 39.65
N GLY A 78 -6.20 -30.37 38.61
CA GLY A 78 -5.56 -29.09 38.81
C GLY A 78 -4.05 -29.06 38.78
N LEU A 79 -3.42 -30.23 38.69
CA LEU A 79 -1.97 -30.28 38.62
C LEU A 79 -1.56 -30.50 37.17
N GLY A 80 -0.26 -30.44 36.89
CA GLY A 80 0.23 -30.68 35.55
C GLY A 80 0.10 -32.15 35.21
N ALA A 81 0.50 -32.52 33.98
CA ALA A 81 0.42 -33.91 33.53
C ALA A 81 1.68 -34.72 33.85
N GLY A 82 2.59 -34.12 34.62
CA GLY A 82 3.80 -34.82 34.99
C GLY A 82 4.65 -35.29 33.81
N GLY A 83 4.70 -34.47 32.76
CA GLY A 83 5.50 -34.80 31.60
C GLY A 83 4.97 -35.90 30.70
N ARG A 84 3.75 -36.37 30.94
CA ARG A 84 3.15 -37.44 30.14
C ARG A 84 2.25 -36.93 29.02
N PRO A 85 2.72 -37.00 27.76
CA PRO A 85 1.87 -36.51 26.66
C PRO A 85 0.52 -37.23 26.58
N GLU A 86 0.49 -38.51 26.93
CA GLU A 86 -0.77 -39.25 26.87
C GLU A 86 -1.78 -38.66 27.85
N ILE A 87 -1.29 -38.07 28.94
CA ILE A 87 -2.19 -37.46 29.92
C ILE A 87 -2.70 -36.12 29.37
N GLY A 88 -1.81 -35.38 28.72
CA GLY A 88 -2.20 -34.11 28.15
C GLY A 88 -3.26 -34.35 27.10
N GLU A 89 -3.07 -35.42 26.32
CA GLU A 89 -4.01 -35.78 25.28
C GLU A 89 -5.38 -36.13 25.86
N GLN A 90 -5.40 -37.00 26.86
CA GLN A 90 -6.65 -37.40 27.49
C GLN A 90 -7.35 -36.20 28.14
N ALA A 91 -6.56 -35.26 28.67
CA ALA A 91 -7.14 -34.08 29.30
C ALA A 91 -7.89 -33.24 28.27
N ALA A 92 -7.27 -33.05 27.11
CA ALA A 92 -7.89 -32.27 26.04
C ALA A 92 -9.18 -32.94 25.60
N LEU A 93 -9.13 -34.26 25.44
CA LEU A 93 -10.31 -35.00 25.01
C LEU A 93 -11.43 -34.92 26.05
N GLU A 94 -11.09 -34.97 27.34
CA GLU A 94 -12.13 -34.91 28.36
C GLU A 94 -12.82 -33.53 28.32
N SER A 95 -12.05 -32.50 28.02
CA SER A 95 -12.57 -31.13 27.96
C SER A 95 -12.85 -30.68 26.54
N GLU A 96 -13.16 -31.62 25.65
CA GLU A 96 -13.42 -31.26 24.26
C GLU A 96 -14.55 -30.26 24.04
N GLU A 97 -15.61 -30.35 24.84
CA GLU A 97 -16.73 -29.43 24.69
C GLU A 97 -16.32 -27.97 24.91
N LYS A 98 -15.50 -27.74 25.93
CA LYS A 98 -15.03 -26.38 26.22
C LYS A 98 -14.20 -25.85 25.04
N ILE A 99 -13.34 -26.70 24.51
CA ILE A 99 -12.48 -26.33 23.39
C ILE A 99 -13.32 -25.96 22.16
N ARG A 100 -14.30 -26.80 21.81
CA ARG A 100 -15.16 -26.51 20.67
C ARG A 100 -15.92 -25.20 20.89
N GLU A 101 -16.32 -24.96 22.14
CA GLU A 101 -17.06 -23.75 22.47
C GLU A 101 -16.21 -22.51 22.18
N VAL A 102 -14.98 -22.51 22.68
CA VAL A 102 -14.09 -21.36 22.50
C VAL A 102 -13.69 -21.13 21.04
N LEU A 103 -13.73 -22.18 20.23
CA LEU A 103 -13.34 -22.07 18.83
C LEU A 103 -14.48 -21.60 17.91
N GLN A 104 -15.66 -21.36 18.49
CA GLN A 104 -16.78 -20.89 17.69
C GLN A 104 -16.48 -19.47 17.26
N ASP A 105 -17.12 -19.02 16.18
CA ASP A 105 -16.92 -17.65 15.69
C ASP A 105 -15.44 -17.32 15.54
N THR A 106 -14.67 -18.24 14.95
CA THR A 106 -13.25 -18.04 14.74
C THR A 106 -12.85 -18.38 13.31
N HIS A 107 -12.04 -17.52 12.70
CA HIS A 107 -11.58 -17.73 11.33
C HIS A 107 -10.19 -18.39 11.28
N MET A 108 -9.34 -18.00 12.22
CA MET A 108 -7.97 -18.50 12.25
C MET A 108 -7.42 -18.59 13.68
N VAL A 109 -6.63 -19.63 13.92
CA VAL A 109 -6.03 -19.82 15.23
C VAL A 109 -4.54 -20.13 15.16
N PHE A 110 -3.82 -19.63 16.15
CA PHE A 110 -2.39 -19.91 16.25
C PHE A 110 -2.30 -20.75 17.52
N ILE A 111 -1.81 -21.97 17.40
CA ILE A 111 -1.67 -22.86 18.55
C ILE A 111 -0.19 -22.87 18.88
N THR A 112 0.16 -22.34 20.04
CA THR A 112 1.56 -22.26 20.42
C THR A 112 1.87 -22.95 21.74
N ALA A 113 3.01 -23.61 21.78
CA ALA A 113 3.41 -24.34 22.97
C ALA A 113 4.83 -24.84 22.85
N GLY A 114 5.39 -25.27 23.98
CA GLY A 114 6.72 -25.82 23.97
C GLY A 114 6.50 -27.32 24.05
N PHE A 115 6.97 -28.07 23.06
CA PHE A 115 6.80 -29.51 23.09
C PHE A 115 7.90 -30.12 23.94
N GLY A 116 7.59 -31.24 24.60
CA GLY A 116 8.58 -31.90 25.44
C GLY A 116 7.95 -32.36 26.74
N GLY A 117 6.93 -31.63 27.19
CA GLY A 117 6.24 -31.98 28.42
C GLY A 117 4.94 -32.71 28.12
N GLY A 118 4.06 -32.77 29.11
CA GLY A 118 2.79 -33.49 28.91
C GLY A 118 1.61 -32.75 28.33
N THR A 119 1.38 -31.52 28.76
CA THR A 119 0.22 -30.75 28.30
C THR A 119 0.39 -30.15 26.90
N GLY A 120 1.40 -29.32 26.72
CA GLY A 120 1.63 -28.75 25.41
C GLY A 120 1.75 -29.83 24.34
N THR A 121 2.62 -30.80 24.57
CA THR A 121 2.82 -31.87 23.60
C THR A 121 1.58 -32.72 23.32
N GLY A 122 0.87 -33.11 24.38
CA GLY A 122 -0.30 -33.95 24.22
C GLY A 122 -1.62 -33.29 23.86
N ALA A 123 -1.85 -32.09 24.37
CA ALA A 123 -3.11 -31.39 24.10
C ALA A 123 -3.14 -30.60 22.80
N SER A 124 -1.98 -30.10 22.35
CA SER A 124 -1.96 -29.29 21.13
C SER A 124 -2.50 -29.99 19.89
N PRO A 125 -2.13 -31.26 19.67
CA PRO A 125 -2.64 -31.94 18.48
C PRO A 125 -4.15 -32.17 18.53
N VAL A 126 -4.70 -32.34 19.72
CA VAL A 126 -6.14 -32.55 19.87
C VAL A 126 -6.86 -31.25 19.53
N ILE A 127 -6.35 -30.14 20.03
CA ILE A 127 -6.95 -28.85 19.77
C ILE A 127 -6.85 -28.51 18.27
N ALA A 128 -5.72 -28.85 17.67
CA ALA A 128 -5.53 -28.58 16.23
C ALA A 128 -6.52 -29.41 15.42
N LYS A 129 -6.70 -30.66 15.81
CA LYS A 129 -7.62 -31.56 15.13
C LYS A 129 -9.02 -30.98 15.13
N ILE A 130 -9.47 -30.54 16.30
CA ILE A 130 -10.81 -29.95 16.45
C ILE A 130 -10.98 -28.68 15.62
N ALA A 131 -9.99 -27.79 15.68
CA ALA A 131 -10.05 -26.55 14.93
C ALA A 131 -10.11 -26.79 13.41
N LYS A 132 -9.26 -27.69 12.93
CA LYS A 132 -9.23 -27.96 11.50
C LYS A 132 -10.54 -28.59 11.03
N GLU A 133 -11.08 -29.52 11.82
CA GLU A 133 -12.34 -30.15 11.45
C GLU A 133 -13.43 -29.09 11.35
N MET A 134 -13.31 -28.03 12.16
CA MET A 134 -14.27 -26.94 12.17
C MET A 134 -14.11 -25.94 11.02
N GLY A 135 -13.11 -26.16 10.17
CA GLY A 135 -12.89 -25.26 9.05
C GLY A 135 -12.06 -24.04 9.36
N ILE A 136 -11.43 -24.02 10.53
CA ILE A 136 -10.61 -22.88 10.95
C ILE A 136 -9.19 -22.99 10.37
N LEU A 137 -8.63 -21.88 9.90
CA LEU A 137 -7.26 -21.91 9.38
C LEU A 137 -6.43 -22.20 10.63
N THR A 138 -5.81 -23.38 10.67
CA THR A 138 -5.06 -23.83 11.84
C THR A 138 -3.54 -23.78 11.72
N VAL A 139 -2.94 -22.80 12.37
CA VAL A 139 -1.49 -22.63 12.35
C VAL A 139 -0.90 -22.99 13.71
N ALA A 140 0.12 -23.84 13.70
CA ALA A 140 0.78 -24.21 14.93
C ALA A 140 2.20 -23.68 14.90
N ILE A 141 2.62 -23.08 16.01
CA ILE A 141 3.98 -22.57 16.14
C ILE A 141 4.45 -23.09 17.48
N VAL A 142 5.26 -24.15 17.43
CA VAL A 142 5.77 -24.80 18.62
C VAL A 142 7.29 -24.98 18.58
N THR A 143 7.86 -25.24 19.75
CA THR A 143 9.31 -25.43 19.86
C THR A 143 9.69 -26.85 20.26
N THR A 144 10.93 -27.24 19.94
CA THR A 144 11.46 -28.53 20.36
C THR A 144 12.41 -28.09 21.48
N PRO A 145 12.59 -28.94 22.51
CA PRO A 145 13.48 -28.60 23.64
C PRO A 145 14.95 -28.38 23.36
N PHE A 146 15.62 -27.72 24.32
CA PHE A 146 17.05 -27.45 24.23
C PHE A 146 17.79 -28.75 24.51
N TYR A 147 18.97 -28.89 23.92
CA TYR A 147 19.80 -30.08 24.13
C TYR A 147 20.01 -30.39 25.62
N PHE A 148 20.28 -29.35 26.41
CA PHE A 148 20.52 -29.52 27.84
C PHE A 148 19.37 -30.15 28.62
N GLU A 149 18.18 -30.19 28.02
CA GLU A 149 17.02 -30.76 28.68
C GLU A 149 16.98 -32.29 28.63
N GLY A 150 17.82 -32.89 27.80
CA GLY A 150 17.87 -34.34 27.74
C GLY A 150 17.17 -34.98 26.55
N PRO A 151 17.55 -36.23 26.21
CA PRO A 151 16.98 -36.99 25.10
C PRO A 151 15.51 -37.39 25.23
N GLU A 152 15.08 -37.72 26.44
CA GLU A 152 13.70 -38.11 26.67
C GLU A 152 12.73 -37.01 26.27
N ARG A 153 13.04 -35.78 26.64
CA ARG A 153 12.15 -34.67 26.33
C ARG A 153 12.08 -34.42 24.81
N LEU A 154 13.20 -34.55 24.13
CA LEU A 154 13.22 -34.35 22.67
C LEU A 154 12.42 -35.47 22.01
N LYS A 155 12.55 -36.68 22.55
CA LYS A 155 11.84 -37.83 22.01
C LYS A 155 10.33 -37.59 22.09
N LYS A 156 9.85 -37.11 23.22
CA LYS A 156 8.43 -36.83 23.40
C LYS A 156 7.97 -35.75 22.42
N ALA A 157 8.80 -34.71 22.25
CA ALA A 157 8.47 -33.63 21.33
C ALA A 157 8.35 -34.15 19.91
N ILE A 158 9.25 -35.05 19.54
CA ILE A 158 9.24 -35.61 18.19
C ILE A 158 7.96 -36.39 17.93
N GLU A 159 7.56 -37.24 18.88
CA GLU A 159 6.33 -38.01 18.69
C GLU A 159 5.14 -37.05 18.63
N GLY A 160 5.23 -35.96 19.40
CA GLY A 160 4.16 -34.98 19.39
C GLY A 160 4.04 -34.32 18.02
N LEU A 161 5.17 -33.94 17.43
CA LEU A 161 5.16 -33.31 16.11
C LEU A 161 4.51 -34.22 15.07
N LYS A 162 4.71 -35.53 15.21
CA LYS A 162 4.13 -36.48 14.27
C LYS A 162 2.61 -36.49 14.36
N LYS A 163 2.08 -36.35 15.57
CA LYS A 163 0.63 -36.31 15.74
C LYS A 163 0.09 -34.99 15.22
N LEU A 164 0.76 -33.91 15.61
CA LEU A 164 0.36 -32.57 15.21
C LEU A 164 0.26 -32.43 13.70
N ARG A 165 1.23 -32.98 12.98
CA ARG A 165 1.24 -32.89 11.52
C ARG A 165 0.03 -33.54 10.87
N LYS A 166 -0.51 -34.58 11.48
CA LYS A 166 -1.66 -35.27 10.93
C LYS A 166 -2.88 -34.36 10.78
N HIS A 167 -2.99 -33.36 11.64
CA HIS A 167 -4.15 -32.46 11.58
C HIS A 167 -3.88 -30.99 11.83
N VAL A 168 -3.24 -30.32 10.88
CA VAL A 168 -2.96 -28.89 10.96
C VAL A 168 -2.85 -28.35 9.55
N ASP A 169 -2.97 -27.03 9.39
CA ASP A 169 -2.85 -26.44 8.07
C ASP A 169 -1.37 -26.14 7.82
N THR A 170 -0.78 -25.35 8.72
CA THR A 170 0.62 -25.00 8.62
C THR A 170 1.29 -25.28 9.96
N LEU A 171 2.39 -26.02 9.92
CA LEU A 171 3.12 -26.36 11.14
C LEU A 171 4.47 -25.68 11.13
N ILE A 172 4.64 -24.70 12.01
CA ILE A 172 5.90 -23.98 12.13
C ILE A 172 6.64 -24.49 13.35
N LYS A 173 7.74 -25.21 13.12
CA LYS A 173 8.53 -25.74 14.22
C LYS A 173 9.78 -24.91 14.44
N ILE A 174 9.97 -24.46 15.66
CA ILE A 174 11.12 -23.66 16.03
C ILE A 174 12.03 -24.50 16.93
N SER A 175 13.30 -24.60 16.55
CA SER A 175 14.28 -25.37 17.30
C SER A 175 14.99 -24.51 18.35
N ASN A 176 14.76 -24.78 19.62
CA ASN A 176 15.42 -24.00 20.68
C ASN A 176 16.94 -24.16 20.64
N ASN A 177 17.41 -25.27 20.07
CA ASN A 177 18.86 -25.50 19.98
C ASN A 177 19.48 -24.43 19.09
N LYS A 178 18.69 -23.90 18.17
CA LYS A 178 19.17 -22.86 17.28
C LYS A 178 19.24 -21.53 18.01
N LEU A 179 18.27 -21.31 18.89
CA LEU A 179 18.22 -20.07 19.68
C LEU A 179 19.44 -20.00 20.58
N MET A 180 19.86 -21.17 21.06
CA MET A 180 21.03 -21.26 21.94
C MET A 180 22.26 -20.73 21.22
N GLU A 181 22.36 -21.03 19.93
CA GLU A 181 23.49 -20.60 19.11
C GLU A 181 23.45 -19.11 18.81
N GLU A 182 22.66 -18.37 19.56
CA GLU A 182 22.54 -16.93 19.33
C GLU A 182 22.60 -16.13 20.64
N LEU A 183 22.66 -16.83 21.76
CA LEU A 183 22.72 -16.18 23.05
C LEU A 183 24.01 -16.52 23.81
N PRO A 184 24.33 -15.74 24.86
CA PRO A 184 25.54 -15.95 25.66
C PRO A 184 25.86 -17.41 25.97
N ARG A 185 27.12 -17.65 26.31
CA ARG A 185 27.60 -18.99 26.63
C ARG A 185 27.23 -19.39 28.06
N ASP A 186 27.09 -18.40 28.94
CA ASP A 186 26.73 -18.66 30.32
C ASP A 186 25.32 -18.19 30.64
N VAL A 187 24.41 -18.33 29.67
CA VAL A 187 23.03 -17.92 29.85
C VAL A 187 22.32 -18.67 30.97
N LYS A 188 21.47 -17.95 31.68
CA LYS A 188 20.69 -18.53 32.78
C LYS A 188 19.48 -19.21 32.12
N ILE A 189 19.02 -20.31 32.69
CA ILE A 189 17.88 -21.03 32.13
C ILE A 189 16.70 -20.10 31.85
N LYS A 190 16.34 -19.28 32.83
CA LYS A 190 15.23 -18.35 32.70
C LYS A 190 15.34 -17.44 31.48
N ASP A 191 16.56 -17.03 31.15
CA ASP A 191 16.77 -16.14 30.01
C ASP A 191 16.69 -16.90 28.69
N ALA A 192 17.01 -18.18 28.71
CA ALA A 192 16.92 -19.00 27.51
C ALA A 192 15.43 -19.11 27.18
N PHE A 193 14.62 -19.29 28.21
CA PHE A 193 13.17 -19.41 28.03
C PHE A 193 12.53 -18.08 27.61
N LEU A 194 13.05 -16.96 28.10
CA LEU A 194 12.51 -15.67 27.71
C LEU A 194 12.82 -15.44 26.24
N LYS A 195 13.99 -15.91 25.81
CA LYS A 195 14.40 -15.78 24.42
C LYS A 195 13.43 -16.57 23.55
N ALA A 196 12.99 -17.70 24.06
CA ALA A 196 12.04 -18.53 23.33
C ALA A 196 10.66 -17.86 23.29
N ASP A 197 10.26 -17.22 24.38
CA ASP A 197 8.97 -16.54 24.40
C ASP A 197 8.94 -15.44 23.34
N GLU A 198 10.03 -14.69 23.26
CA GLU A 198 10.16 -13.60 22.31
C GLU A 198 10.09 -14.08 20.86
N THR A 199 10.70 -15.22 20.59
CA THR A 199 10.68 -15.76 19.24
C THR A 199 9.26 -16.17 18.85
N LEU A 200 8.53 -16.76 19.80
CA LEU A 200 7.16 -17.16 19.54
C LEU A 200 6.30 -15.91 19.34
N HIS A 201 6.55 -14.91 20.17
CA HIS A 201 5.83 -13.64 20.06
C HIS A 201 6.02 -13.04 18.67
N GLN A 202 7.28 -12.98 18.23
CA GLN A 202 7.60 -12.42 16.91
C GLN A 202 6.84 -13.11 15.78
N GLY A 203 6.83 -14.44 15.82
CA GLY A 203 6.14 -15.22 14.81
C GLY A 203 4.65 -14.97 14.76
N VAL A 204 3.98 -15.02 15.91
CA VAL A 204 2.53 -14.81 15.98
C VAL A 204 2.15 -13.36 15.63
N LYS A 205 2.85 -12.40 16.21
CA LYS A 205 2.57 -10.99 15.94
C LYS A 205 2.79 -10.71 14.46
N GLY A 206 3.93 -11.17 13.95
CA GLY A 206 4.30 -10.97 12.56
C GLY A 206 3.27 -11.44 11.55
N ILE A 207 2.81 -12.68 11.67
CA ILE A 207 1.83 -13.21 10.74
C ILE A 207 0.46 -12.56 10.99
N SER A 208 0.06 -12.52 12.25
CA SER A 208 -1.23 -11.94 12.64
C SER A 208 -1.48 -10.54 12.09
N GLU A 209 -0.55 -9.62 12.34
CA GLU A 209 -0.75 -8.25 11.92
C GLU A 209 -0.76 -7.99 10.42
N LEU A 210 -0.40 -9.01 9.64
CA LEU A 210 -0.46 -8.86 8.19
C LEU A 210 -1.94 -8.81 7.86
N ILE A 211 -2.73 -9.46 8.71
CA ILE A 211 -4.18 -9.54 8.54
C ILE A 211 -4.99 -8.53 9.34
N THR A 212 -4.49 -8.12 10.49
CA THR A 212 -5.24 -7.21 11.35
C THR A 212 -4.86 -5.74 11.26
N LYS A 213 -3.66 -5.46 10.78
CA LYS A 213 -3.23 -4.07 10.68
C LYS A 213 -3.14 -3.61 9.23
N ARG A 214 -3.99 -2.63 8.91
CA ARG A 214 -4.05 -2.06 7.57
C ARG A 214 -2.77 -1.33 7.22
N GLY A 215 -2.21 -0.64 8.21
CA GLY A 215 -1.01 0.14 7.99
C GLY A 215 -1.44 1.59 7.87
N TYR A 216 -0.70 2.48 8.52
CA TYR A 216 -1.01 3.90 8.50
C TYR A 216 -0.37 4.60 7.31
N ILE A 217 -1.10 5.52 6.68
CA ILE A 217 -0.56 6.25 5.55
C ILE A 217 -0.50 7.75 5.81
N ARG A 218 0.72 8.28 5.91
CA ARG A 218 0.92 9.70 6.15
C ARG A 218 0.83 10.39 4.79
N LEU A 219 -0.28 11.07 4.53
CA LEU A 219 -0.48 11.73 3.25
C LEU A 219 0.57 12.77 2.90
N THR A 220 1.12 13.46 3.89
CA THR A 220 2.14 14.46 3.62
C THR A 220 3.35 13.78 3.00
N SER A 221 3.48 12.48 3.21
CA SER A 221 4.59 11.73 2.66
C SER A 221 4.42 11.49 1.16
N ARG A 222 3.17 11.28 0.73
CA ARG A 222 2.93 11.06 -0.68
C ARG A 222 3.06 12.40 -1.41
N PHE A 223 2.72 13.49 -0.72
CA PHE A 223 2.84 14.82 -1.29
C PHE A 223 4.31 15.09 -1.59
N ALA A 224 5.20 14.62 -0.70
CA ALA A 224 6.63 14.82 -0.86
C ALA A 224 7.13 14.14 -2.12
N ARG A 225 6.61 12.95 -2.41
CA ARG A 225 7.04 12.23 -3.59
C ARG A 225 6.60 12.95 -4.87
N ILE A 226 5.40 13.51 -4.84
CA ILE A 226 4.89 14.22 -6.01
C ILE A 226 5.56 15.59 -6.15
N GLU A 227 5.83 16.23 -5.01
CA GLU A 227 6.47 17.53 -5.02
C GLU A 227 7.87 17.44 -5.61
N SER A 228 8.60 16.39 -5.23
CA SER A 228 9.98 16.21 -5.71
C SER A 228 10.06 16.09 -7.22
N VAL A 229 9.00 15.59 -7.85
CA VAL A 229 9.01 15.44 -9.29
C VAL A 229 8.34 16.60 -10.04
N MET A 230 7.42 17.28 -9.38
CA MET A 230 6.72 18.39 -10.04
C MET A 230 7.27 19.79 -9.76
N LYS A 231 8.03 19.96 -8.68
CA LYS A 231 8.57 21.28 -8.36
C LYS A 231 9.54 21.73 -9.46
N ASP A 232 9.29 22.92 -10.02
CA ASP A 232 10.13 23.48 -11.07
C ASP A 232 10.41 22.47 -12.20
N ALA A 233 9.44 21.64 -12.52
CA ALA A 233 9.60 20.63 -13.56
C ALA A 233 9.44 21.15 -14.99
N GLY A 234 8.60 22.16 -15.16
CA GLY A 234 8.38 22.72 -16.49
C GLY A 234 7.23 22.04 -17.21
N ALA A 235 7.32 22.02 -18.54
CA ALA A 235 6.29 21.42 -19.38
C ALA A 235 6.23 19.93 -19.07
N ALA A 236 5.02 19.38 -19.01
CA ALA A 236 4.89 17.96 -18.70
C ALA A 236 3.89 17.24 -19.57
N ILE A 237 4.08 15.93 -19.68
CA ILE A 237 3.17 15.09 -20.46
C ILE A 237 2.41 14.26 -19.42
N LEU A 238 1.10 14.20 -19.56
CA LEU A 238 0.25 13.45 -18.63
C LEU A 238 -0.55 12.36 -19.33
N GLY A 239 -0.51 11.16 -18.77
CA GLY A 239 -1.25 10.05 -19.33
C GLY A 239 -2.01 9.31 -18.26
N ILE A 240 -3.25 8.93 -18.57
CA ILE A 240 -4.10 8.21 -17.63
C ILE A 240 -4.72 7.00 -18.32
N GLY A 241 -4.80 5.88 -17.61
CA GLY A 241 -5.40 4.71 -18.20
C GLY A 241 -6.04 3.80 -17.18
N VAL A 242 -7.07 3.08 -17.61
CA VAL A 242 -7.77 2.14 -16.75
C VAL A 242 -7.74 0.78 -17.44
N GLY A 243 -7.58 -0.28 -16.66
CA GLY A 243 -7.53 -1.61 -17.22
C GLY A 243 -8.49 -2.51 -16.48
N LYS A 244 -8.89 -3.61 -17.12
CA LYS A 244 -9.82 -4.53 -16.50
C LYS A 244 -9.53 -5.95 -17.00
N GLY A 245 -9.68 -6.92 -16.12
CA GLY A 245 -9.42 -8.29 -16.52
C GLY A 245 -8.00 -8.77 -16.24
N GLU A 246 -7.70 -9.97 -16.72
CA GLU A 246 -6.40 -10.60 -16.53
C GLU A 246 -5.17 -9.73 -16.82
N HIS A 247 -5.20 -8.99 -17.92
CA HIS A 247 -4.06 -8.15 -18.26
C HIS A 247 -4.32 -6.67 -18.01
N ARG A 248 -5.16 -6.39 -17.02
CA ARG A 248 -5.51 -5.02 -16.66
C ARG A 248 -4.30 -4.09 -16.51
N ALA A 249 -3.23 -4.59 -15.92
CA ALA A 249 -2.04 -3.79 -15.68
C ALA A 249 -1.33 -3.28 -16.92
N ARG A 250 -0.93 -4.18 -17.82
CA ARG A 250 -0.25 -3.72 -19.02
C ARG A 250 -1.20 -2.95 -19.92
N GLU A 251 -2.48 -3.32 -19.91
CA GLU A 251 -3.44 -2.63 -20.76
C GLU A 251 -3.70 -1.19 -20.30
N ALA A 252 -3.75 -0.98 -18.99
CA ALA A 252 -3.98 0.37 -18.48
C ALA A 252 -2.71 1.18 -18.74
N ALA A 253 -1.55 0.53 -18.63
CA ALA A 253 -0.28 1.19 -18.85
C ALA A 253 -0.16 1.65 -20.31
N LYS A 254 -0.58 0.80 -21.23
CA LYS A 254 -0.53 1.12 -22.65
C LYS A 254 -1.44 2.30 -22.97
N LYS A 255 -2.69 2.25 -22.48
CA LYS A 255 -3.64 3.32 -22.72
C LYS A 255 -3.11 4.69 -22.28
N ALA A 256 -2.43 4.71 -21.14
CA ALA A 256 -1.88 5.95 -20.61
C ALA A 256 -0.67 6.40 -21.42
N MET A 257 0.29 5.48 -21.57
CA MET A 257 1.53 5.74 -22.29
C MET A 257 1.34 5.97 -23.78
N GLU A 258 0.20 5.57 -24.32
CA GLU A 258 -0.06 5.72 -25.75
C GLU A 258 -1.31 6.56 -26.03
N SER A 259 -1.46 7.66 -25.31
CA SER A 259 -2.59 8.56 -25.49
C SER A 259 -2.41 9.41 -26.74
N LYS A 260 -3.50 9.74 -27.42
CA LYS A 260 -3.44 10.56 -28.63
C LYS A 260 -3.16 12.02 -28.30
N LEU A 261 -3.26 12.38 -27.03
CA LEU A 261 -3.01 13.75 -26.60
C LEU A 261 -1.51 14.00 -26.49
N ILE A 262 -0.74 12.92 -26.42
CA ILE A 262 0.71 13.02 -26.32
C ILE A 262 1.28 13.49 -27.65
N GLU A 263 1.78 14.72 -27.66
CA GLU A 263 2.34 15.34 -28.86
C GLU A 263 3.84 15.17 -29.00
N HIS A 264 4.52 14.89 -27.89
CA HIS A 264 5.97 14.72 -27.90
C HIS A 264 6.33 13.38 -27.27
N PRO A 265 7.26 12.64 -27.88
CA PRO A 265 7.66 11.33 -27.35
C PRO A 265 8.12 11.36 -25.89
N VAL A 266 7.49 10.52 -25.08
CA VAL A 266 7.80 10.43 -23.65
C VAL A 266 9.26 10.02 -23.46
N GLU A 267 9.86 9.48 -24.53
CA GLU A 267 11.24 9.03 -24.50
C GLU A 267 12.25 10.15 -24.21
N ASN A 268 11.87 11.38 -24.51
CA ASN A 268 12.77 12.52 -24.29
C ASN A 268 12.73 13.08 -22.87
N ALA A 269 11.88 12.50 -22.02
CA ALA A 269 11.80 12.98 -20.65
C ALA A 269 12.90 12.37 -19.80
N SER A 270 13.44 13.15 -18.88
CA SER A 270 14.51 12.68 -18.01
C SER A 270 13.91 12.24 -16.67
N SER A 271 12.64 12.54 -16.46
CA SER A 271 11.95 12.16 -15.23
C SER A 271 10.56 11.63 -15.55
N ILE A 272 10.18 10.53 -14.89
CA ILE A 272 8.89 9.92 -15.12
C ILE A 272 8.31 9.36 -13.83
N VAL A 273 7.13 9.85 -13.46
CA VAL A 273 6.45 9.38 -12.27
C VAL A 273 5.35 8.47 -12.77
N PHE A 274 5.27 7.27 -12.22
CA PHE A 274 4.28 6.29 -12.64
C PHE A 274 3.57 5.72 -11.41
N ASN A 275 2.26 5.92 -11.31
CA ASN A 275 1.53 5.40 -10.16
C ASN A 275 0.44 4.40 -10.53
N ILE A 276 0.35 3.36 -9.70
CA ILE A 276 -0.65 2.32 -9.87
C ILE A 276 -1.58 2.31 -8.66
N THR A 277 -2.89 2.39 -8.91
CA THR A 277 -3.89 2.34 -7.85
C THR A 277 -4.67 1.07 -8.16
N ALA A 278 -4.62 0.11 -7.24
CA ALA A 278 -5.30 -1.16 -7.48
C ALA A 278 -5.78 -1.86 -6.23
N PRO A 279 -6.68 -2.86 -6.40
CA PRO A 279 -7.20 -3.59 -5.24
C PRO A 279 -6.05 -4.38 -4.61
N SER A 280 -6.24 -4.84 -3.39
CA SER A 280 -5.21 -5.58 -2.68
C SER A 280 -4.84 -6.92 -3.31
N ASN A 281 -5.64 -7.39 -4.26
CA ASN A 281 -5.36 -8.68 -4.90
C ASN A 281 -4.34 -8.59 -6.03
N ILE A 282 -3.80 -7.39 -6.27
CA ILE A 282 -2.83 -7.23 -7.35
C ILE A 282 -1.59 -8.09 -7.10
N ARG A 283 -1.12 -8.76 -8.14
CA ARG A 283 0.05 -9.63 -8.03
C ARG A 283 1.30 -8.88 -8.51
N MET A 284 2.45 -9.20 -7.93
CA MET A 284 3.71 -8.54 -8.30
C MET A 284 4.00 -8.70 -9.79
N GLU A 285 3.49 -9.79 -10.37
CA GLU A 285 3.69 -10.05 -11.79
C GLU A 285 3.00 -8.98 -12.62
N GLU A 286 1.90 -8.45 -12.10
CA GLU A 286 1.16 -7.42 -12.82
C GLU A 286 1.96 -6.12 -12.82
N VAL A 287 2.71 -5.88 -11.75
CA VAL A 287 3.53 -4.67 -11.69
C VAL A 287 4.63 -4.76 -12.73
N HIS A 288 5.15 -5.97 -12.93
CA HIS A 288 6.21 -6.20 -13.92
C HIS A 288 5.76 -5.91 -15.34
N GLU A 289 4.59 -6.42 -15.72
CA GLU A 289 4.08 -6.18 -17.06
C GLU A 289 3.86 -4.69 -17.29
N ALA A 290 3.45 -3.99 -16.24
CA ALA A 290 3.23 -2.56 -16.33
C ALA A 290 4.58 -1.86 -16.47
N ALA A 291 5.59 -2.38 -15.76
CA ALA A 291 6.93 -1.80 -15.80
C ALA A 291 7.60 -1.97 -17.15
N MET A 292 7.37 -3.10 -17.80
CA MET A 292 7.97 -3.35 -19.11
C MET A 292 7.45 -2.36 -20.14
N ILE A 293 6.21 -1.92 -19.97
CA ILE A 293 5.61 -0.97 -20.90
C ILE A 293 6.25 0.40 -20.71
N ILE A 294 6.52 0.76 -19.46
CA ILE A 294 7.15 2.06 -19.18
C ILE A 294 8.50 2.12 -19.87
N ARG A 295 9.34 1.14 -19.57
CA ARG A 295 10.69 1.07 -20.14
C ARG A 295 10.70 1.08 -21.66
N GLN A 296 9.67 0.51 -22.29
CA GLN A 296 9.61 0.48 -23.74
C GLN A 296 9.11 1.80 -24.33
N ASN A 297 8.67 2.71 -23.47
CA ASN A 297 8.18 4.01 -23.90
C ASN A 297 8.98 5.14 -23.25
N SER A 298 10.08 4.80 -22.59
CA SER A 298 10.90 5.80 -21.93
C SER A 298 12.39 5.63 -22.21
N SER A 299 13.19 6.55 -21.68
CA SER A 299 14.63 6.52 -21.85
C SER A 299 15.33 5.81 -20.72
N GLU A 300 16.35 5.03 -21.04
CA GLU A 300 17.09 4.28 -20.04
C GLU A 300 17.71 5.21 -19.00
N ASP A 301 18.03 6.43 -19.42
CA ASP A 301 18.63 7.41 -18.53
C ASP A 301 17.59 8.18 -17.71
N ALA A 302 16.32 7.94 -18.01
CA ALA A 302 15.25 8.62 -17.31
C ALA A 302 15.09 8.12 -15.88
N ASP A 303 14.95 9.06 -14.94
CA ASP A 303 14.77 8.73 -13.54
C ASP A 303 13.29 8.38 -13.31
N VAL A 304 12.99 7.09 -13.30
CA VAL A 304 11.62 6.63 -13.11
C VAL A 304 11.28 6.36 -11.65
N LYS A 305 10.14 6.89 -11.21
CA LYS A 305 9.69 6.69 -9.84
C LYS A 305 8.33 6.02 -9.86
N PHE A 306 8.19 4.94 -9.11
CA PHE A 306 6.93 4.22 -9.05
C PHE A 306 6.12 4.60 -7.82
N GLY A 307 4.82 4.43 -7.93
CA GLY A 307 3.93 4.72 -6.83
C GLY A 307 2.92 3.59 -6.83
N LEU A 308 2.59 3.09 -5.66
CA LEU A 308 1.62 2.01 -5.55
C LEU A 308 0.66 2.33 -4.42
N ILE A 309 -0.63 2.33 -4.74
CA ILE A 309 -1.67 2.60 -3.75
C ILE A 309 -2.69 1.49 -3.79
N PHE A 310 -2.89 0.82 -2.66
CA PHE A 310 -3.88 -0.24 -2.57
C PHE A 310 -5.21 0.39 -2.19
N ASP A 311 -6.22 0.22 -3.03
CA ASP A 311 -7.52 0.79 -2.78
C ASP A 311 -8.57 -0.21 -3.19
N ASP A 312 -9.14 -0.91 -2.22
CA ASP A 312 -10.15 -1.91 -2.51
C ASP A 312 -11.51 -1.36 -2.89
N GLU A 313 -11.57 -0.04 -3.11
CA GLU A 313 -12.80 0.60 -3.55
C GLU A 313 -12.77 0.48 -5.08
N VAL A 314 -11.60 0.19 -5.61
CA VAL A 314 -11.43 -0.01 -7.05
C VAL A 314 -11.97 -1.40 -7.31
N PRO A 315 -12.84 -1.56 -8.32
CA PRO A 315 -13.39 -2.90 -8.60
C PRO A 315 -12.31 -3.97 -8.55
N ASP A 316 -12.64 -5.14 -7.99
CA ASP A 316 -11.70 -6.24 -7.84
C ASP A 316 -10.94 -6.66 -9.10
N ASP A 317 -11.48 -6.34 -10.27
CA ASP A 317 -10.81 -6.72 -11.51
C ASP A 317 -10.27 -5.53 -12.29
N GLU A 318 -10.18 -4.37 -11.64
CA GLU A 318 -9.69 -3.19 -12.33
C GLU A 318 -8.38 -2.63 -11.80
N ILE A 319 -7.89 -1.61 -12.49
CA ILE A 319 -6.65 -0.96 -12.12
C ILE A 319 -6.60 0.42 -12.77
N ARG A 320 -5.91 1.34 -12.12
CA ARG A 320 -5.79 2.70 -12.64
C ARG A 320 -4.32 3.08 -12.69
N VAL A 321 -3.92 3.70 -13.80
CA VAL A 321 -2.55 4.12 -13.96
C VAL A 321 -2.49 5.59 -14.36
N ILE A 322 -1.55 6.31 -13.78
CA ILE A 322 -1.36 7.71 -14.11
C ILE A 322 0.13 7.96 -14.14
N PHE A 323 0.60 8.65 -15.17
CA PHE A 323 2.01 8.95 -15.24
C PHE A 323 2.22 10.36 -15.72
N ILE A 324 3.32 10.94 -15.27
CA ILE A 324 3.68 12.31 -15.62
C ILE A 324 5.14 12.28 -16.04
N ALA A 325 5.40 12.67 -17.29
CA ALA A 325 6.77 12.72 -17.80
C ALA A 325 7.16 14.18 -17.85
N THR A 326 8.29 14.54 -17.24
CA THR A 326 8.71 15.93 -17.22
C THR A 326 10.22 16.09 -17.42
N ARG A 327 10.65 17.34 -17.32
CA ARG A 327 12.05 17.69 -17.48
C ARG A 327 12.65 17.26 -18.81
N PHE A 328 12.12 17.82 -19.90
CA PHE A 328 12.60 17.51 -21.24
C PHE A 328 13.71 18.51 -21.59
N PRO A 329 14.51 18.19 -22.61
CA PRO A 329 15.61 19.06 -23.04
C PRO A 329 15.12 20.23 -23.90
N ASP A 330 14.03 20.01 -24.63
CA ASP A 330 13.45 21.03 -25.50
C ASP A 330 11.94 21.12 -25.25
N GLU A 331 11.56 21.85 -24.21
CA GLU A 331 10.14 21.99 -23.86
C GLU A 331 9.31 22.59 -24.99
N ASP A 332 9.94 23.42 -25.82
CA ASP A 332 9.24 24.05 -26.92
C ASP A 332 8.53 23.02 -27.79
N LYS A 333 9.13 21.85 -27.93
CA LYS A 333 8.56 20.77 -28.74
C LYS A 333 7.18 20.37 -28.20
N ILE A 334 7.00 20.46 -26.89
CA ILE A 334 5.74 20.11 -26.25
C ILE A 334 4.77 21.29 -26.22
N LEU A 335 5.24 22.43 -25.76
CA LEU A 335 4.40 23.60 -25.67
C LEU A 335 3.97 24.17 -27.03
N PHE A 336 4.84 24.12 -28.02
CA PHE A 336 4.49 24.67 -29.33
C PHE A 336 4.80 23.74 -30.49
N PRO A 337 5.98 23.68 -30.92
N LEU B 22 -3.05 18.79 4.76
CA LEU B 22 -2.78 19.23 3.36
C LEU B 22 -3.96 19.98 2.77
N LYS B 23 -3.68 21.15 2.19
CA LYS B 23 -4.71 21.98 1.60
C LYS B 23 -4.44 22.11 0.11
N ILE B 24 -5.35 21.57 -0.71
CA ILE B 24 -5.22 21.62 -2.16
C ILE B 24 -6.41 22.34 -2.76
N LYS B 25 -6.14 23.34 -3.60
CA LYS B 25 -7.23 24.07 -4.22
C LYS B 25 -7.21 23.98 -5.73
N VAL B 26 -8.39 23.92 -6.33
CA VAL B 26 -8.54 23.85 -7.77
C VAL B 26 -9.15 25.19 -8.18
N ILE B 27 -8.42 25.94 -8.99
CA ILE B 27 -8.87 27.26 -9.43
C ILE B 27 -9.21 27.33 -10.90
N GLY B 28 -10.49 27.59 -11.21
CA GLY B 28 -10.95 27.70 -12.58
C GLY B 28 -10.95 29.17 -12.95
N VAL B 29 -10.19 29.53 -13.98
CA VAL B 29 -10.05 30.92 -14.43
C VAL B 29 -10.72 31.18 -15.78
N GLY B 30 -11.66 32.11 -15.80
CA GLY B 30 -12.35 32.42 -17.05
C GLY B 30 -13.52 31.50 -17.31
N GLY B 31 -14.22 31.71 -18.43
CA GLY B 31 -15.38 30.90 -18.77
C GLY B 31 -15.17 29.40 -18.81
N ALA B 32 -14.25 28.95 -19.67
CA ALA B 32 -13.92 27.54 -19.81
C ALA B 32 -13.51 26.93 -18.47
N GLY B 33 -12.65 27.64 -17.75
CA GLY B 33 -12.18 27.17 -16.46
C GLY B 33 -13.32 27.02 -15.48
N ASN B 34 -14.24 27.98 -15.48
CA ASN B 34 -15.40 27.94 -14.61
C ASN B 34 -16.29 26.75 -15.01
N ASN B 35 -16.51 26.57 -16.30
CA ASN B 35 -17.34 25.46 -16.79
C ASN B 35 -16.71 24.13 -16.39
N ALA B 36 -15.40 24.03 -16.56
CA ALA B 36 -14.68 22.82 -16.24
C ALA B 36 -14.75 22.43 -14.76
N ILE B 37 -14.53 23.37 -13.86
CA ILE B 37 -14.58 23.00 -12.45
C ILE B 37 -16.00 22.67 -12.02
N ASN B 38 -17.00 23.24 -12.68
CA ASN B 38 -18.37 22.92 -12.31
C ASN B 38 -18.62 21.45 -12.60
N ARG B 39 -17.97 20.93 -13.64
CA ARG B 39 -18.11 19.51 -13.96
C ARG B 39 -17.39 18.68 -12.89
N MET B 40 -16.20 19.11 -12.51
CA MET B 40 -15.42 18.42 -11.48
C MET B 40 -16.22 18.37 -10.17
N ILE B 41 -16.92 19.45 -9.87
CA ILE B 41 -17.73 19.54 -8.66
C ILE B 41 -18.92 18.59 -8.72
N GLU B 42 -19.53 18.50 -9.89
CA GLU B 42 -20.68 17.61 -10.08
C GLU B 42 -20.25 16.14 -9.95
N ILE B 43 -19.14 15.78 -10.58
CA ILE B 43 -18.62 14.42 -10.51
C ILE B 43 -18.00 14.17 -9.13
N GLY B 44 -17.16 15.10 -8.70
CA GLY B 44 -16.52 14.98 -7.41
C GLY B 44 -15.03 14.68 -7.44
N ILE B 45 -14.29 15.36 -6.57
CA ILE B 45 -12.85 15.16 -6.43
C ILE B 45 -12.60 15.21 -4.93
N HIS B 46 -12.09 14.13 -4.37
CA HIS B 46 -11.88 14.06 -2.93
C HIS B 46 -10.79 14.97 -2.35
N GLY B 47 -11.12 15.60 -1.23
CA GLY B 47 -10.18 16.44 -0.52
C GLY B 47 -9.69 17.77 -1.07
N VAL B 48 -10.36 18.33 -2.07
CA VAL B 48 -9.90 19.61 -2.61
C VAL B 48 -10.98 20.67 -2.46
N GLU B 49 -10.55 21.94 -2.49
CA GLU B 49 -11.49 23.05 -2.41
C GLU B 49 -11.48 23.72 -3.77
N PHE B 50 -12.66 24.08 -4.28
CA PHE B 50 -12.74 24.73 -5.58
C PHE B 50 -12.90 26.24 -5.52
N VAL B 51 -12.23 26.93 -6.43
CA VAL B 51 -12.30 28.39 -6.50
C VAL B 51 -12.55 28.85 -7.94
N ALA B 52 -13.57 29.68 -8.13
CA ALA B 52 -13.88 30.19 -9.45
C ALA B 52 -13.42 31.64 -9.57
N VAL B 53 -12.66 31.94 -10.62
CA VAL B 53 -12.14 33.29 -10.86
C VAL B 53 -12.56 33.77 -12.25
N ASN B 54 -13.12 34.97 -12.33
CA ASN B 54 -13.55 35.51 -13.63
C ASN B 54 -13.82 37.01 -13.57
N THR B 55 -13.86 37.62 -14.75
CA THR B 55 -14.15 39.04 -14.90
C THR B 55 -15.62 39.15 -15.32
N ASP B 56 -16.24 37.98 -15.52
CA ASP B 56 -17.63 37.83 -15.97
C ASP B 56 -18.50 37.47 -14.76
N LEU B 57 -19.24 38.44 -14.22
CA LEU B 57 -20.07 38.20 -13.05
C LEU B 57 -21.16 37.14 -13.23
N GLN B 58 -21.85 37.16 -14.36
CA GLN B 58 -22.92 36.19 -14.62
C GLN B 58 -22.41 34.75 -14.53
N VAL B 59 -21.25 34.49 -15.11
CA VAL B 59 -20.71 33.13 -15.07
C VAL B 59 -20.31 32.74 -13.64
N LEU B 60 -19.72 33.66 -12.90
CA LEU B 60 -19.35 33.40 -11.51
C LEU B 60 -20.58 33.03 -10.69
N GLU B 61 -21.68 33.74 -10.91
CA GLU B 61 -22.92 33.48 -10.19
C GLU B 61 -23.48 32.10 -10.53
N ALA B 62 -23.03 31.54 -11.65
CA ALA B 62 -23.49 30.22 -12.05
C ALA B 62 -22.55 29.14 -11.49
N SER B 63 -21.51 29.58 -10.81
CA SER B 63 -20.52 28.66 -10.24
C SER B 63 -20.95 27.96 -8.96
N ASN B 64 -20.55 26.69 -8.82
CA ASN B 64 -20.86 25.91 -7.64
C ASN B 64 -19.62 25.76 -6.77
N ALA B 65 -18.58 26.54 -7.10
CA ALA B 65 -17.34 26.51 -6.35
C ALA B 65 -17.55 26.95 -4.91
N ASP B 66 -16.63 26.57 -4.04
CA ASP B 66 -16.68 26.94 -2.63
C ASP B 66 -16.46 28.44 -2.46
N VAL B 67 -15.57 29.00 -3.28
CA VAL B 67 -15.28 30.43 -3.21
C VAL B 67 -15.27 31.02 -4.61
N LYS B 68 -15.87 32.20 -4.76
CA LYS B 68 -15.93 32.90 -6.03
C LYS B 68 -15.17 34.21 -5.91
N ILE B 69 -14.30 34.50 -6.88
CA ILE B 69 -13.54 35.73 -6.85
C ILE B 69 -13.74 36.50 -8.15
N GLN B 70 -14.32 37.69 -8.04
CA GLN B 70 -14.52 38.53 -9.20
C GLN B 70 -13.31 39.45 -9.29
N ILE B 71 -12.68 39.49 -10.46
CA ILE B 71 -11.51 40.33 -10.63
C ILE B 71 -11.74 41.37 -11.73
N GLY B 72 -10.96 42.46 -11.69
CA GLY B 72 -11.07 43.51 -12.68
C GLY B 72 -12.42 44.20 -12.78
N GLU B 73 -13.10 44.33 -11.66
CA GLU B 73 -14.42 44.97 -11.64
C GLU B 73 -14.42 46.39 -12.22
N ASN B 74 -13.37 47.16 -11.94
CA ASN B 74 -13.33 48.53 -12.45
C ASN B 74 -13.02 48.63 -13.94
N ILE B 75 -12.21 47.72 -14.47
CA ILE B 75 -11.87 47.78 -15.88
C ILE B 75 -12.82 47.01 -16.82
N THR B 76 -13.61 46.09 -16.28
CA THR B 76 -14.53 45.31 -17.10
C THR B 76 -15.97 45.46 -16.67
N ARG B 77 -16.18 45.92 -15.45
CA ARG B 77 -17.53 46.09 -14.90
C ARG B 77 -18.31 44.78 -14.92
N GLY B 78 -17.60 43.69 -14.65
CA GLY B 78 -18.22 42.38 -14.63
C GLY B 78 -18.71 41.88 -15.97
N LEU B 79 -18.20 42.45 -17.05
CA LEU B 79 -18.63 42.06 -18.40
C LEU B 79 -17.63 41.21 -19.17
N GLY B 80 -16.61 40.69 -18.50
CA GLY B 80 -15.62 39.89 -19.20
C GLY B 80 -14.52 40.78 -19.77
N ALA B 81 -13.44 40.17 -20.24
CA ALA B 81 -12.31 40.94 -20.77
C ALA B 81 -12.36 41.26 -22.26
N GLY B 82 -13.47 40.94 -22.93
CA GLY B 82 -13.58 41.24 -24.35
C GLY B 82 -12.59 40.52 -25.24
N GLY B 83 -12.10 39.37 -24.78
CA GLY B 83 -11.14 38.58 -25.54
C GLY B 83 -9.72 39.15 -25.54
N ARG B 84 -9.45 40.12 -24.68
CA ARG B 84 -8.12 40.74 -24.62
C ARG B 84 -7.32 40.26 -23.41
N PRO B 85 -6.24 39.50 -23.66
CA PRO B 85 -5.40 38.97 -22.58
C PRO B 85 -4.80 40.04 -21.69
N GLU B 86 -4.43 41.19 -22.27
CA GLU B 86 -3.84 42.26 -21.47
C GLU B 86 -4.85 42.76 -20.43
N ILE B 87 -6.13 42.66 -20.76
CA ILE B 87 -7.16 43.08 -19.82
C ILE B 87 -7.32 42.04 -18.71
N GLY B 88 -7.22 40.76 -19.06
CA GLY B 88 -7.32 39.72 -18.05
C GLY B 88 -6.11 39.81 -17.11
N GLU B 89 -4.97 40.18 -17.65
CA GLU B 89 -3.75 40.30 -16.86
C GLU B 89 -3.86 41.47 -15.88
N GLN B 90 -4.39 42.59 -16.36
CA GLN B 90 -4.55 43.77 -15.52
C GLN B 90 -5.59 43.53 -14.43
N ALA B 91 -6.62 42.76 -14.76
CA ALA B 91 -7.68 42.43 -13.81
C ALA B 91 -7.12 41.65 -12.63
N ALA B 92 -6.27 40.67 -12.93
CA ALA B 92 -5.65 39.85 -11.90
C ALA B 92 -4.67 40.67 -11.04
N LEU B 93 -3.93 41.56 -11.69
CA LEU B 93 -2.98 42.40 -10.97
C LEU B 93 -3.70 43.35 -10.02
N GLU B 94 -4.78 43.97 -10.50
CA GLU B 94 -5.53 44.91 -9.66
C GLU B 94 -6.19 44.17 -8.50
N SER B 95 -6.44 42.88 -8.68
CA SER B 95 -7.07 42.07 -7.63
C SER B 95 -6.07 41.14 -6.92
N GLU B 96 -4.79 41.49 -6.96
CA GLU B 96 -3.76 40.66 -6.34
C GLU B 96 -4.02 40.27 -4.89
N GLU B 97 -4.41 41.22 -4.06
CA GLU B 97 -4.67 40.91 -2.65
C GLU B 97 -5.78 39.88 -2.47
N LYS B 98 -6.87 40.05 -3.22
CA LYS B 98 -8.00 39.13 -3.14
C LYS B 98 -7.52 37.72 -3.49
N ILE B 99 -6.66 37.61 -4.51
CA ILE B 99 -6.12 36.32 -4.93
C ILE B 99 -5.20 35.74 -3.85
N ARG B 100 -4.27 36.56 -3.36
CA ARG B 100 -3.33 36.13 -2.32
C ARG B 100 -4.10 35.58 -1.11
N GLU B 101 -5.14 36.32 -0.72
CA GLU B 101 -5.99 35.95 0.41
C GLU B 101 -6.56 34.54 0.28
N VAL B 102 -7.01 34.19 -0.93
CA VAL B 102 -7.58 32.88 -1.16
C VAL B 102 -6.53 31.77 -1.21
N LEU B 103 -5.27 32.14 -1.41
CA LEU B 103 -4.17 31.17 -1.48
C LEU B 103 -3.45 30.94 -0.15
N GLN B 104 -3.86 31.66 0.89
CA GLN B 104 -3.25 31.51 2.21
C GLN B 104 -3.42 30.09 2.72
N ASP B 105 -2.39 29.60 3.41
CA ASP B 105 -2.39 28.25 3.99
C ASP B 105 -2.62 27.12 2.98
N THR B 106 -2.32 27.37 1.71
CA THR B 106 -2.50 26.37 0.66
C THR B 106 -1.16 25.74 0.30
N HIS B 107 -1.13 24.41 0.20
CA HIS B 107 0.10 23.68 -0.13
C HIS B 107 0.26 23.42 -1.63
N MET B 108 -0.86 23.25 -2.31
CA MET B 108 -0.83 22.96 -3.74
C MET B 108 -2.04 23.56 -4.42
N VAL B 109 -1.86 23.98 -5.68
CA VAL B 109 -2.95 24.56 -6.45
C VAL B 109 -2.91 24.09 -7.89
N PHE B 110 -4.09 23.81 -8.42
CA PHE B 110 -4.24 23.42 -9.82
C PHE B 110 -4.93 24.62 -10.45
N ILE B 111 -4.32 25.19 -11.48
CA ILE B 111 -4.91 26.33 -12.17
C ILE B 111 -5.38 25.82 -13.53
N THR B 112 -6.68 25.87 -13.78
CA THR B 112 -7.19 25.38 -15.04
C THR B 112 -7.96 26.42 -15.84
N ALA B 113 -7.80 26.38 -17.15
CA ALA B 113 -8.46 27.34 -18.01
C ALA B 113 -8.33 26.94 -19.47
N GLY B 114 -9.13 27.58 -20.30
CA GLY B 114 -9.04 27.35 -21.73
C GLY B 114 -8.36 28.62 -22.23
N PHE B 115 -7.17 28.49 -22.82
CA PHE B 115 -6.48 29.68 -23.31
C PHE B 115 -7.05 30.09 -24.66
N GLY B 116 -6.99 31.38 -24.96
CA GLY B 116 -7.53 31.87 -26.22
C GLY B 116 -8.34 33.15 -26.08
N GLY B 117 -8.91 33.36 -24.89
CA GLY B 117 -9.70 34.55 -24.64
C GLY B 117 -8.91 35.52 -23.77
N GLY B 118 -9.59 36.47 -23.15
CA GLY B 118 -8.87 37.44 -22.33
C GLY B 118 -8.60 37.10 -20.87
N THR B 119 -9.56 36.49 -20.19
CA THR B 119 -9.42 36.18 -18.77
C THR B 119 -8.58 34.95 -18.47
N GLY B 120 -8.97 33.79 -18.99
CA GLY B 120 -8.15 32.61 -18.73
C GLY B 120 -6.71 32.82 -19.19
N THR B 121 -6.54 33.33 -20.41
CA THR B 121 -5.21 33.53 -20.97
C THR B 121 -4.38 34.56 -20.20
N GLY B 122 -4.98 35.71 -19.91
CA GLY B 122 -4.28 36.78 -19.23
C GLY B 122 -4.15 36.71 -17.71
N ALA B 123 -5.18 36.22 -17.03
CA ALA B 123 -5.15 36.15 -15.58
C ALA B 123 -4.43 34.94 -14.99
N SER B 124 -4.42 33.81 -15.70
CA SER B 124 -3.78 32.60 -15.17
C SER B 124 -2.29 32.75 -14.84
N PRO B 125 -1.51 33.41 -15.70
CA PRO B 125 -0.09 33.54 -15.39
C PRO B 125 0.14 34.39 -14.14
N VAL B 126 -0.75 35.35 -13.90
CA VAL B 126 -0.63 36.22 -12.73
C VAL B 126 -0.95 35.43 -11.47
N ILE B 127 -2.03 34.65 -11.51
CA ILE B 127 -2.41 33.84 -10.36
C ILE B 127 -1.28 32.84 -10.07
N ALA B 128 -0.70 32.28 -11.12
CA ALA B 128 0.39 31.33 -10.96
C ALA B 128 1.58 31.98 -10.27
N LYS B 129 1.93 33.19 -10.71
CA LYS B 129 3.06 33.89 -10.11
C LYS B 129 2.82 34.14 -8.63
N ILE B 130 1.61 34.59 -8.29
CA ILE B 130 1.27 34.88 -6.90
C ILE B 130 1.43 33.63 -6.02
N ALA B 131 0.97 32.49 -6.54
CA ALA B 131 1.04 31.23 -5.82
C ALA B 131 2.48 30.73 -5.67
N LYS B 132 3.23 30.73 -6.77
CA LYS B 132 4.61 30.26 -6.71
C LYS B 132 5.45 31.17 -5.81
N GLU B 133 5.14 32.46 -5.82
CA GLU B 133 5.84 33.41 -4.98
C GLU B 133 5.66 33.03 -3.51
N MET B 134 4.53 32.37 -3.22
CA MET B 134 4.21 31.95 -1.87
C MET B 134 4.78 30.56 -1.55
N GLY B 135 5.49 29.97 -2.50
CA GLY B 135 6.07 28.65 -2.28
C GLY B 135 5.08 27.52 -2.48
N ILE B 136 3.93 27.83 -3.06
CA ILE B 136 2.89 26.84 -3.32
C ILE B 136 3.24 25.98 -4.53
N LEU B 137 3.03 24.66 -4.43
CA LEU B 137 3.29 23.78 -5.57
C LEU B 137 2.22 24.18 -6.58
N THR B 138 2.66 24.79 -7.68
CA THR B 138 1.74 25.31 -8.69
C THR B 138 1.67 24.52 -9.98
N VAL B 139 0.54 23.86 -10.18
CA VAL B 139 0.34 23.04 -11.37
C VAL B 139 -0.75 23.62 -12.27
N ALA B 140 -0.43 23.81 -13.54
CA ALA B 140 -1.40 24.36 -14.46
C ALA B 140 -1.77 23.32 -15.51
N ILE B 141 -3.07 23.17 -15.75
CA ILE B 141 -3.58 22.24 -16.75
C ILE B 141 -4.52 23.10 -17.57
N VAL B 142 -4.05 23.50 -18.74
CA VAL B 142 -4.81 24.38 -19.63
C VAL B 142 -4.87 23.84 -21.05
N THR B 143 -5.83 24.33 -21.82
CA THR B 143 -6.00 23.90 -23.20
C THR B 143 -5.71 24.99 -24.21
N THR B 144 -5.38 24.58 -25.43
CA THR B 144 -5.16 25.51 -26.53
C THR B 144 -6.43 25.31 -27.38
N PRO B 145 -6.91 26.36 -28.07
CA PRO B 145 -8.12 26.30 -28.90
C PRO B 145 -8.15 25.32 -30.08
N PHE B 146 -9.37 24.92 -30.46
CA PHE B 146 -9.55 24.02 -31.59
C PHE B 146 -9.19 24.82 -32.84
N TYR B 147 -8.88 24.11 -33.91
CA TYR B 147 -8.51 24.73 -35.18
C TYR B 147 -9.61 25.64 -35.73
N PHE B 148 -10.85 25.18 -35.68
CA PHE B 148 -11.97 25.97 -36.20
C PHE B 148 -12.14 27.32 -35.53
N GLU B 149 -11.51 27.51 -34.36
CA GLU B 149 -11.65 28.76 -33.65
C GLU B 149 -10.90 29.95 -34.27
N GLY B 150 -9.99 29.67 -35.19
CA GLY B 150 -9.29 30.76 -35.83
C GLY B 150 -7.88 31.02 -35.34
N PRO B 151 -7.08 31.77 -36.12
CA PRO B 151 -5.70 32.11 -35.79
C PRO B 151 -5.49 33.07 -34.62
N GLU B 152 -6.38 34.05 -34.48
CA GLU B 152 -6.24 35.02 -33.39
C GLU B 152 -6.30 34.33 -32.04
N ARG B 153 -7.23 33.40 -31.91
CA ARG B 153 -7.41 32.66 -30.67
C ARG B 153 -6.15 31.85 -30.36
N LEU B 154 -5.65 31.14 -31.37
CA LEU B 154 -4.45 30.32 -31.19
C LEU B 154 -3.26 31.18 -30.82
N LYS B 155 -3.10 32.31 -31.50
CA LYS B 155 -1.99 33.20 -31.24
C LYS B 155 -2.02 33.71 -29.80
N LYS B 156 -3.20 34.10 -29.34
CA LYS B 156 -3.35 34.58 -27.96
C LYS B 156 -2.94 33.49 -26.98
N ALA B 157 -3.37 32.26 -27.27
CA ALA B 157 -3.05 31.12 -26.40
C ALA B 157 -1.54 30.88 -26.31
N ILE B 158 -0.86 30.91 -27.44
CA ILE B 158 0.59 30.71 -27.47
C ILE B 158 1.31 31.77 -26.64
N GLU B 159 0.94 33.03 -26.82
CA GLU B 159 1.58 34.11 -26.06
C GLU B 159 1.26 33.93 -24.57
N GLY B 160 0.07 33.41 -24.28
CA GLY B 160 -0.31 33.17 -22.90
C GLY B 160 0.56 32.10 -22.29
N LEU B 161 0.81 31.02 -23.04
CA LEU B 161 1.63 29.92 -22.57
C LEU B 161 3.07 30.34 -22.27
N LYS B 162 3.58 31.29 -23.05
CA LYS B 162 4.93 31.79 -22.84
C LYS B 162 5.06 32.47 -21.48
N LYS B 163 4.00 33.14 -21.06
CA LYS B 163 4.01 33.82 -19.76
C LYS B 163 3.74 32.84 -18.62
N LEU B 164 2.79 31.95 -18.84
CA LEU B 164 2.43 30.94 -17.83
C LEU B 164 3.65 30.10 -17.46
N ARG B 165 4.38 29.69 -18.49
CA ARG B 165 5.56 28.85 -18.34
C ARG B 165 6.57 29.38 -17.30
N LYS B 166 6.74 30.69 -17.25
CA LYS B 166 7.69 31.30 -16.32
C LYS B 166 7.23 31.28 -14.86
N HIS B 167 5.96 30.99 -14.62
CA HIS B 167 5.46 31.06 -13.25
C HIS B 167 4.73 29.85 -12.65
N VAL B 168 5.01 28.66 -13.17
CA VAL B 168 4.38 27.46 -12.65
C VAL B 168 5.47 26.45 -12.34
N ASP B 169 5.14 25.42 -11.56
CA ASP B 169 6.08 24.37 -11.26
C ASP B 169 5.97 23.34 -12.37
N THR B 170 4.74 23.00 -12.72
CA THR B 170 4.46 22.03 -13.78
C THR B 170 3.37 22.59 -14.69
N LEU B 171 3.57 22.48 -16.00
CA LEU B 171 2.60 22.98 -16.95
C LEU B 171 2.14 21.85 -17.87
N ILE B 172 0.87 21.46 -17.73
CA ILE B 172 0.30 20.41 -18.56
C ILE B 172 -0.60 21.10 -19.59
N LYS B 173 -0.19 21.05 -20.86
CA LYS B 173 -0.97 21.68 -21.92
C LYS B 173 -1.74 20.63 -22.70
N ILE B 174 -3.05 20.83 -22.79
CA ILE B 174 -3.91 19.91 -23.52
C ILE B 174 -4.35 20.55 -24.83
N SER B 175 -3.95 19.93 -25.94
CA SER B 175 -4.31 20.42 -27.26
C SER B 175 -5.71 19.98 -27.63
N ASN B 176 -6.63 20.92 -27.78
CA ASN B 176 -7.98 20.55 -28.14
C ASN B 176 -8.03 19.93 -29.54
N ASN B 177 -7.08 20.29 -30.39
CA ASN B 177 -7.04 19.72 -31.73
C ASN B 177 -6.82 18.21 -31.64
N LYS B 178 -5.98 17.80 -30.70
CA LYS B 178 -5.71 16.38 -30.50
C LYS B 178 -6.98 15.67 -30.03
N LEU B 179 -7.76 16.35 -29.21
CA LEU B 179 -9.02 15.79 -28.71
C LEU B 179 -9.96 15.59 -29.88
N MET B 180 -9.94 16.53 -30.81
CA MET B 180 -10.81 16.47 -31.97
C MET B 180 -10.52 15.22 -32.79
N GLU B 181 -9.25 14.83 -32.85
CA GLU B 181 -8.85 13.65 -33.58
C GLU B 181 -9.43 12.37 -32.99
N GLU B 182 -9.65 12.37 -31.67
CA GLU B 182 -10.20 11.21 -30.98
C GLU B 182 -11.71 11.13 -31.10
N LEU B 183 -12.35 12.29 -31.09
CA LEU B 183 -13.81 12.37 -31.18
C LEU B 183 -14.38 11.92 -32.52
N PRO B 184 -15.67 11.55 -32.53
CA PRO B 184 -16.34 11.12 -33.75
C PRO B 184 -16.33 12.21 -34.82
N ARG B 185 -16.34 11.77 -36.07
CA ARG B 185 -16.31 12.64 -37.24
C ARG B 185 -17.36 13.76 -37.27
N ASP B 186 -18.54 13.51 -36.72
CA ASP B 186 -19.60 14.51 -36.74
C ASP B 186 -19.97 15.10 -35.38
N VAL B 187 -19.03 15.11 -34.45
CA VAL B 187 -19.28 15.62 -33.10
C VAL B 187 -19.72 17.09 -33.11
N LYS B 188 -20.72 17.41 -32.29
CA LYS B 188 -21.23 18.77 -32.19
C LYS B 188 -20.29 19.59 -31.30
N ILE B 189 -20.13 20.87 -31.59
CA ILE B 189 -19.24 21.72 -30.80
C ILE B 189 -19.50 21.59 -29.30
N LYS B 190 -20.77 21.61 -28.90
CA LYS B 190 -21.10 21.51 -27.49
C LYS B 190 -20.51 20.25 -26.86
N ASP B 191 -20.53 19.14 -27.59
CA ASP B 191 -19.99 17.88 -27.09
C ASP B 191 -18.46 17.87 -27.09
N ALA B 192 -17.87 18.63 -28.01
CA ALA B 192 -16.41 18.71 -28.10
C ALA B 192 -15.91 19.41 -26.84
N PHE B 193 -16.61 20.46 -26.42
CA PHE B 193 -16.23 21.20 -25.23
C PHE B 193 -16.51 20.38 -23.97
N LEU B 194 -17.54 19.54 -23.99
CA LEU B 194 -17.82 18.71 -22.82
C LEU B 194 -16.67 17.72 -22.67
N LYS B 195 -16.15 17.23 -23.79
CA LYS B 195 -15.03 16.31 -23.77
C LYS B 195 -13.81 17.02 -23.18
N ALA B 196 -13.63 18.28 -23.53
CA ALA B 196 -12.52 19.06 -23.00
C ALA B 196 -12.68 19.17 -21.48
N ASP B 197 -13.91 19.42 -21.03
CA ASP B 197 -14.18 19.52 -19.59
C ASP B 197 -13.79 18.23 -18.87
N GLU B 198 -14.21 17.10 -19.45
CA GLU B 198 -13.93 15.78 -18.88
C GLU B 198 -12.43 15.48 -18.83
N THR B 199 -11.69 15.91 -19.84
CA THR B 199 -10.26 15.69 -19.88
C THR B 199 -9.56 16.45 -18.75
N LEU B 200 -9.94 17.72 -18.57
CA LEU B 200 -9.36 18.53 -17.51
C LEU B 200 -9.71 17.88 -16.17
N HIS B 201 -10.96 17.45 -16.04
CA HIS B 201 -11.42 16.79 -14.82
C HIS B 201 -10.55 15.59 -14.47
N GLN B 202 -10.39 14.69 -15.45
CA GLN B 202 -9.59 13.48 -15.26
C GLN B 202 -8.18 13.82 -14.79
N GLY B 203 -7.60 14.86 -15.38
CA GLY B 203 -6.25 15.26 -15.00
C GLY B 203 -6.15 15.78 -13.57
N VAL B 204 -7.05 16.68 -13.20
CA VAL B 204 -7.04 17.25 -11.86
C VAL B 204 -7.35 16.19 -10.80
N LYS B 205 -8.41 15.42 -11.01
CA LYS B 205 -8.81 14.38 -10.07
C LYS B 205 -7.71 13.33 -9.96
N GLY B 206 -7.17 12.92 -11.10
CA GLY B 206 -6.13 11.91 -11.11
C GLY B 206 -4.93 12.23 -10.23
N ILE B 207 -4.35 13.41 -10.44
CA ILE B 207 -3.19 13.82 -9.66
C ILE B 207 -3.53 14.13 -8.20
N SER B 208 -4.56 14.92 -7.97
CA SER B 208 -4.92 15.31 -6.62
C SER B 208 -5.27 14.14 -5.69
N GLU B 209 -5.99 13.15 -6.20
CA GLU B 209 -6.36 12.03 -5.33
C GLU B 209 -5.20 11.13 -4.91
N LEU B 210 -4.07 11.22 -5.61
CA LEU B 210 -2.90 10.44 -5.22
C LEU B 210 -2.46 10.96 -3.85
N ILE B 211 -2.82 12.21 -3.57
CA ILE B 211 -2.46 12.87 -2.33
C ILE B 211 -3.57 12.88 -1.28
N THR B 212 -4.82 13.02 -1.72
CA THR B 212 -5.93 13.10 -0.79
C THR B 212 -6.62 11.79 -0.42
N LYS B 213 -6.51 10.78 -1.27
CA LYS B 213 -7.14 9.49 -0.99
C LYS B 213 -6.13 8.42 -0.60
N ARG B 214 -6.19 8.02 0.67
CA ARG B 214 -5.28 7.02 1.20
C ARG B 214 -5.49 5.65 0.57
N GLY B 215 -6.74 5.35 0.25
CA GLY B 215 -7.08 4.06 -0.33
C GLY B 215 -7.62 3.18 0.78
N TYR B 216 -8.69 2.45 0.48
CA TYR B 216 -9.32 1.56 1.44
C TYR B 216 -8.70 0.16 1.41
N ILE B 217 -8.45 -0.42 2.58
CA ILE B 217 -7.87 -1.75 2.65
C ILE B 217 -8.92 -2.73 3.17
N ARG B 218 -9.29 -3.71 2.34
CA ARG B 218 -10.27 -4.71 2.76
C ARG B 218 -9.45 -5.85 3.38
N LEU B 219 -9.40 -5.88 4.70
CA LEU B 219 -8.64 -6.89 5.41
C LEU B 219 -8.99 -8.32 5.02
N THR B 220 -10.26 -8.57 4.72
CA THR B 220 -10.66 -9.91 4.33
C THR B 220 -9.93 -10.34 3.07
N SER B 221 -9.52 -9.34 2.26
CA SER B 221 -8.79 -9.63 1.04
C SER B 221 -7.40 -10.19 1.27
N ARG B 222 -6.69 -9.67 2.26
CA ARG B 222 -5.36 -10.19 2.51
C ARG B 222 -5.42 -11.50 3.31
N PHE B 223 -6.53 -11.73 4.01
CA PHE B 223 -6.68 -12.98 4.75
C PHE B 223 -6.81 -14.08 3.70
N ALA B 224 -7.49 -13.76 2.61
CA ALA B 224 -7.70 -14.71 1.52
C ALA B 224 -6.37 -15.12 0.90
N ARG B 225 -5.46 -14.15 0.76
CA ARG B 225 -4.16 -14.42 0.18
C ARG B 225 -3.33 -15.28 1.14
N ILE B 226 -3.45 -15.00 2.43
CA ILE B 226 -2.72 -15.78 3.42
C ILE B 226 -3.31 -17.19 3.53
N GLU B 227 -4.63 -17.27 3.50
CA GLU B 227 -5.31 -18.56 3.58
C GLU B 227 -4.92 -19.48 2.41
N SER B 228 -4.95 -18.94 1.20
CA SER B 228 -4.61 -19.76 0.02
C SER B 228 -3.23 -20.41 0.14
N VAL B 229 -2.30 -19.74 0.82
CA VAL B 229 -0.96 -20.28 0.97
C VAL B 229 -0.74 -21.13 2.23
N MET B 230 -1.50 -20.86 3.28
CA MET B 230 -1.32 -21.62 4.51
C MET B 230 -2.24 -22.81 4.70
N LYS B 231 -3.29 -22.91 3.90
CA LYS B 231 -4.23 -24.03 4.03
C LYS B 231 -3.59 -25.34 3.57
N ASP B 232 -3.65 -26.35 4.43
CA ASP B 232 -3.08 -27.67 4.11
C ASP B 232 -1.67 -27.54 3.53
N ALA B 233 -0.90 -26.59 4.05
CA ALA B 233 0.47 -26.35 3.58
C ALA B 233 1.49 -27.33 4.16
N GLY B 234 1.23 -27.84 5.36
CA GLY B 234 2.16 -28.76 5.98
C GLY B 234 3.27 -28.06 6.75
N ALA B 235 4.45 -28.68 6.81
CA ALA B 235 5.58 -28.08 7.53
C ALA B 235 6.02 -26.79 6.84
N ALA B 236 6.39 -25.79 7.62
CA ALA B 236 6.80 -24.52 7.06
C ALA B 236 7.98 -23.86 7.75
N ILE B 237 8.76 -23.10 7.00
CA ILE B 237 9.90 -22.38 7.55
C ILE B 237 9.45 -20.93 7.70
N LEU B 238 9.73 -20.33 8.86
CA LEU B 238 9.34 -18.94 9.10
C LEU B 238 10.57 -18.07 9.30
N GLY B 239 10.58 -16.90 8.67
CA GLY B 239 11.71 -16.01 8.82
C GLY B 239 11.28 -14.56 8.95
N ILE B 240 11.91 -13.83 9.85
CA ILE B 240 11.58 -12.44 10.08
C ILE B 240 12.86 -11.61 10.10
N GLY B 241 12.79 -10.40 9.56
CA GLY B 241 13.96 -9.56 9.56
C GLY B 241 13.63 -8.08 9.50
N VAL B 242 14.47 -7.27 10.15
CA VAL B 242 14.29 -5.84 10.16
C VAL B 242 15.54 -5.23 9.53
N GLY B 243 15.37 -4.09 8.86
CA GLY B 243 16.51 -3.45 8.22
C GLY B 243 16.48 -1.95 8.42
N LYS B 244 17.63 -1.31 8.30
CA LYS B 244 17.73 0.13 8.47
C LYS B 244 18.79 0.71 7.56
N GLY B 245 18.54 1.92 7.04
CA GLY B 245 19.50 2.56 6.16
C GLY B 245 19.24 2.41 4.67
N GLU B 246 20.21 2.81 3.87
CA GLU B 246 20.12 2.76 2.41
C GLU B 246 19.78 1.39 1.84
N HIS B 247 20.32 0.33 2.43
CA HIS B 247 20.05 -1.02 1.96
C HIS B 247 19.20 -1.82 2.95
N ARG B 248 18.29 -1.12 3.61
CA ARG B 248 17.39 -1.71 4.59
C ARG B 248 16.63 -2.93 4.03
N ALA B 249 16.18 -2.83 2.78
CA ALA B 249 15.42 -3.92 2.17
C ALA B 249 16.24 -5.20 2.04
N ARG B 250 17.39 -5.11 1.39
CA ARG B 250 18.23 -6.30 1.21
C ARG B 250 18.71 -6.84 2.56
N GLU B 251 18.94 -5.96 3.51
CA GLU B 251 19.41 -6.38 4.82
C GLU B 251 18.32 -7.11 5.59
N ALA B 252 17.09 -6.61 5.53
CA ALA B 252 15.97 -7.25 6.21
C ALA B 252 15.69 -8.61 5.56
N ALA B 253 15.84 -8.66 4.23
CA ALA B 253 15.59 -9.89 3.48
C ALA B 253 16.60 -10.97 3.83
N LYS B 254 17.88 -10.59 3.93
CA LYS B 254 18.94 -11.53 4.27
C LYS B 254 18.79 -12.05 5.69
N LYS B 255 18.41 -11.18 6.60
CA LYS B 255 18.21 -11.57 8.00
C LYS B 255 17.11 -12.60 8.14
N ALA B 256 16.05 -12.43 7.36
CA ALA B 256 14.91 -13.35 7.41
C ALA B 256 15.15 -14.69 6.73
N MET B 257 15.68 -14.66 5.50
CA MET B 257 15.91 -15.87 4.74
C MET B 257 17.19 -16.63 5.05
N GLU B 258 18.16 -15.95 5.65
CA GLU B 258 19.42 -16.57 6.00
C GLU B 258 19.51 -16.74 7.52
N SER B 259 18.33 -16.77 8.15
CA SER B 259 18.21 -16.93 9.60
C SER B 259 18.76 -18.26 10.10
N LYS B 260 19.34 -18.24 11.29
CA LYS B 260 19.92 -19.43 11.92
C LYS B 260 18.88 -20.49 12.28
N LEU B 261 17.69 -20.05 12.65
CA LEU B 261 16.62 -20.98 13.03
C LEU B 261 16.32 -21.97 11.91
N ILE B 262 16.59 -21.56 10.67
CA ILE B 262 16.37 -22.40 9.51
C ILE B 262 17.24 -23.65 9.59
N GLU B 263 16.60 -24.81 9.65
CA GLU B 263 17.30 -26.08 9.75
C GLU B 263 17.38 -26.80 8.41
N HIS B 264 16.55 -26.38 7.47
CA HIS B 264 16.53 -26.99 6.14
C HIS B 264 16.50 -25.86 5.11
N PRO B 265 17.23 -26.01 4.00
CA PRO B 265 17.24 -24.97 2.98
C PRO B 265 15.88 -24.61 2.38
N VAL B 266 15.62 -23.31 2.34
CA VAL B 266 14.37 -22.78 1.80
C VAL B 266 14.32 -23.14 0.31
N GLU B 267 15.48 -23.47 -0.23
CA GLU B 267 15.62 -23.84 -1.64
C GLU B 267 14.70 -25.00 -2.05
N ASN B 268 14.31 -25.81 -1.08
CA ASN B 268 13.47 -26.97 -1.36
C ASN B 268 11.98 -26.67 -1.33
N ALA B 269 11.61 -25.49 -0.87
CA ALA B 269 10.20 -25.13 -0.81
C ALA B 269 9.66 -24.82 -2.20
N SER B 270 8.42 -25.23 -2.46
CA SER B 270 7.80 -24.99 -3.76
C SER B 270 6.91 -23.75 -3.68
N SER B 271 6.67 -23.28 -2.46
CA SER B 271 5.84 -22.11 -2.25
C SER B 271 6.50 -21.15 -1.26
N ILE B 272 6.50 -19.85 -1.59
CA ILE B 272 7.10 -18.85 -0.73
C ILE B 272 6.28 -17.56 -0.64
N VAL B 273 5.90 -17.19 0.57
CA VAL B 273 5.15 -15.95 0.80
C VAL B 273 6.15 -14.98 1.43
N PHE B 274 6.35 -13.83 0.79
CA PHE B 274 7.29 -12.83 1.26
C PHE B 274 6.57 -11.49 1.36
N ASN B 275 6.52 -10.91 2.57
CA ASN B 275 5.85 -9.62 2.73
C ASN B 275 6.75 -8.52 3.25
N ILE B 276 6.64 -7.34 2.66
CA ILE B 276 7.41 -6.20 3.09
C ILE B 276 6.45 -5.18 3.68
N THR B 277 6.78 -4.69 4.87
CA THR B 277 5.98 -3.67 5.53
C THR B 277 6.96 -2.51 5.64
N ALA B 278 6.62 -1.37 5.06
CA ALA B 278 7.53 -0.23 5.10
C ALA B 278 6.82 1.11 4.96
N PRO B 279 7.54 2.20 5.29
CA PRO B 279 6.95 3.53 5.18
C PRO B 279 6.69 3.86 3.72
N SER B 280 5.84 4.84 3.48
CA SER B 280 5.46 5.24 2.13
C SER B 280 6.62 5.69 1.25
N ASN B 281 7.75 6.03 1.86
CA ASN B 281 8.90 6.49 1.08
C ASN B 281 9.71 5.36 0.41
N ILE B 282 9.27 4.11 0.56
CA ILE B 282 9.99 3.01 -0.05
C ILE B 282 10.01 3.11 -1.57
N ARG B 283 11.18 2.86 -2.17
CA ARG B 283 11.34 2.94 -3.61
C ARG B 283 11.25 1.57 -4.27
N MET B 284 10.78 1.55 -5.52
CA MET B 284 10.66 0.29 -6.26
C MET B 284 12.01 -0.41 -6.34
N GLU B 285 13.09 0.36 -6.35
CA GLU B 285 14.44 -0.22 -6.40
C GLU B 285 14.69 -1.11 -5.19
N GLU B 286 14.20 -0.68 -4.04
CA GLU B 286 14.37 -1.42 -2.81
C GLU B 286 13.63 -2.75 -2.88
N VAL B 287 12.44 -2.74 -3.48
CA VAL B 287 11.65 -3.96 -3.63
C VAL B 287 12.45 -4.91 -4.51
N HIS B 288 13.07 -4.36 -5.55
CA HIS B 288 13.87 -5.16 -6.45
C HIS B 288 15.05 -5.79 -5.71
N GLU B 289 15.69 -5.03 -4.85
CA GLU B 289 16.83 -5.57 -4.11
C GLU B 289 16.41 -6.73 -3.22
N ALA B 290 15.24 -6.61 -2.59
CA ALA B 290 14.74 -7.68 -1.75
C ALA B 290 14.46 -8.91 -2.62
N ALA B 291 13.97 -8.68 -3.84
CA ALA B 291 13.66 -9.77 -4.76
C ALA B 291 14.90 -10.55 -5.18
N MET B 292 16.03 -9.86 -5.30
CA MET B 292 17.27 -10.52 -5.69
C MET B 292 17.73 -11.48 -4.59
N ILE B 293 17.39 -11.14 -3.34
CA ILE B 293 17.77 -12.00 -2.23
C ILE B 293 16.88 -13.23 -2.24
N ILE B 294 15.59 -13.02 -2.48
CA ILE B 294 14.64 -14.13 -2.54
C ILE B 294 15.13 -15.14 -3.57
N ARG B 295 15.48 -14.65 -4.76
CA ARG B 295 15.96 -15.53 -5.83
C ARG B 295 17.21 -16.32 -5.46
N GLN B 296 18.11 -15.72 -4.69
CA GLN B 296 19.34 -16.40 -4.30
C GLN B 296 19.14 -17.38 -3.15
N ASN B 297 17.92 -17.42 -2.61
CA ASN B 297 17.62 -18.31 -1.49
C ASN B 297 16.34 -19.11 -1.68
N SER B 298 16.03 -19.43 -2.94
CA SER B 298 14.84 -20.21 -3.23
C SER B 298 14.98 -20.89 -4.58
N SER B 299 14.15 -21.89 -4.83
CA SER B 299 14.19 -22.62 -6.10
C SER B 299 13.59 -21.79 -7.21
N GLU B 300 14.19 -21.87 -8.39
CA GLU B 300 13.71 -21.12 -9.55
C GLU B 300 12.30 -21.59 -9.95
N ASP B 301 11.91 -22.77 -9.47
CA ASP B 301 10.60 -23.32 -9.79
C ASP B 301 9.57 -23.00 -8.71
N ALA B 302 10.02 -22.35 -7.64
CA ALA B 302 9.14 -22.01 -6.52
C ALA B 302 8.11 -20.94 -6.88
N ASP B 303 6.90 -21.08 -6.33
CA ASP B 303 5.84 -20.11 -6.56
C ASP B 303 5.99 -19.03 -5.50
N VAL B 304 6.45 -17.86 -5.90
CA VAL B 304 6.66 -16.75 -4.97
C VAL B 304 5.56 -15.70 -4.97
N LYS B 305 4.94 -15.49 -3.80
CA LYS B 305 3.90 -14.50 -3.66
C LYS B 305 4.44 -13.34 -2.82
N PHE B 306 4.53 -12.17 -3.44
CA PHE B 306 5.08 -10.98 -2.80
C PHE B 306 3.99 -10.09 -2.20
N GLY B 307 4.14 -9.74 -0.93
CA GLY B 307 3.16 -8.89 -0.27
C GLY B 307 3.77 -7.54 0.06
N LEU B 308 2.97 -6.48 -0.04
CA LEU B 308 3.47 -5.14 0.26
C LEU B 308 2.44 -4.38 1.09
N ILE B 309 2.91 -3.82 2.21
CA ILE B 309 2.07 -3.05 3.10
C ILE B 309 2.77 -1.74 3.45
N PHE B 310 2.10 -0.62 3.20
CA PHE B 310 2.68 0.67 3.52
C PHE B 310 2.19 1.07 4.90
N ASP B 311 3.14 1.28 5.81
CA ASP B 311 2.82 1.65 7.18
C ASP B 311 3.80 2.70 7.66
N ASP B 312 3.37 3.95 7.67
CA ASP B 312 4.24 5.02 8.11
C ASP B 312 4.48 5.04 9.61
N GLU B 313 4.01 4.00 10.30
CA GLU B 313 4.25 3.89 11.72
C GLU B 313 5.63 3.25 11.84
N VAL B 314 6.09 2.66 10.74
CA VAL B 314 7.41 2.06 10.71
C VAL B 314 8.38 3.22 10.57
N PRO B 315 9.47 3.24 11.35
CA PRO B 315 10.44 4.34 11.26
C PRO B 315 10.87 4.64 9.83
N ASP B 316 10.97 5.93 9.51
CA ASP B 316 11.35 6.44 8.19
C ASP B 316 12.44 5.71 7.43
N ASP B 317 13.47 5.24 8.12
CA ASP B 317 14.56 4.55 7.45
C ASP B 317 14.58 3.05 7.73
N GLU B 318 13.47 2.50 8.18
CA GLU B 318 13.41 1.09 8.49
C GLU B 318 12.46 0.31 7.60
N ILE B 319 12.50 -1.01 7.74
CA ILE B 319 11.67 -1.89 6.95
C ILE B 319 11.54 -3.22 7.69
N ARG B 320 10.42 -3.91 7.47
CA ARG B 320 10.18 -5.19 8.11
C ARG B 320 9.80 -6.24 7.09
N VAL B 321 10.45 -7.39 7.19
CA VAL B 321 10.18 -8.49 6.27
C VAL B 321 9.80 -9.76 7.01
N ILE B 322 8.82 -10.46 6.47
CA ILE B 322 8.42 -11.74 7.04
C ILE B 322 8.14 -12.67 5.87
N PHE B 323 8.65 -13.89 5.94
CA PHE B 323 8.39 -14.82 4.86
C PHE B 323 8.08 -16.20 5.40
N ILE B 324 7.31 -16.93 4.61
CA ILE B 324 6.92 -18.28 4.96
C ILE B 324 7.20 -19.16 3.76
N ALA B 325 7.95 -20.24 3.98
CA ALA B 325 8.28 -21.17 2.91
C ALA B 325 7.61 -22.50 3.25
N THR B 326 6.75 -22.99 2.36
CA THR B 326 6.05 -24.24 2.61
C THR B 326 6.03 -25.18 1.40
N ARG B 327 5.34 -26.30 1.58
CA ARG B 327 5.20 -27.31 0.54
C ARG B 327 6.54 -27.84 0.02
N PHE B 328 7.22 -28.59 0.87
CA PHE B 328 8.50 -29.19 0.53
C PHE B 328 8.30 -30.62 0.05
N PRO B 329 9.23 -31.13 -0.76
CA PRO B 329 9.14 -32.51 -1.25
C PRO B 329 9.27 -33.50 -0.10
N ASP B 330 10.31 -33.34 0.69
CA ASP B 330 10.55 -34.20 1.85
C ASP B 330 10.32 -33.41 3.14
N GLU B 331 9.09 -33.43 3.61
CA GLU B 331 8.71 -32.71 4.81
C GLU B 331 9.42 -33.20 6.07
N ASP B 332 9.84 -34.46 6.08
CA ASP B 332 10.51 -35.03 7.24
C ASP B 332 11.88 -34.40 7.50
N LYS B 333 12.45 -33.75 6.48
CA LYS B 333 13.75 -33.11 6.62
C LYS B 333 13.66 -31.83 7.44
N ILE B 334 12.47 -31.26 7.53
CA ILE B 334 12.24 -30.05 8.29
C ILE B 334 11.81 -30.32 9.72
N LEU B 335 10.83 -31.20 9.88
CA LEU B 335 10.31 -31.54 11.19
C LEU B 335 11.29 -32.35 12.04
N PHE B 336 12.06 -33.22 11.38
CA PHE B 336 13.02 -34.04 12.11
C PHE B 336 14.37 -34.06 11.42
N PRO B 337 14.52 -34.81 10.43
PG G2P C . 3.25 -30.75 31.92
O1G G2P C . 3.49 -32.20 32.01
O2G G2P C . 3.85 -30.04 33.00
O3G G2P C . 1.76 -30.54 32.10
O3B G2P C . 3.68 -30.24 30.43
PB G2P C . 3.73 -28.68 29.88
O1B G2P C . 3.11 -28.53 28.55
O2B G2P C . 3.30 -27.67 30.81
C3A G2P C . 5.50 -28.47 29.70
PA G2P C . 6.00 -26.76 29.50
O1A G2P C . 4.90 -25.93 28.96
O2A G2P C . 6.70 -26.31 30.70
O5' G2P C . 6.97 -26.93 28.25
C5' G2P C . 8.14 -27.69 28.38
C4' G2P C . 9.14 -27.36 27.27
O4' G2P C . 8.96 -26.01 26.75
C3' G2P C . 10.56 -27.48 27.80
O3' G2P C . 11.08 -28.78 27.42
C2' G2P C . 11.26 -26.27 27.19
O2' G2P C . 11.90 -26.62 25.96
C1' G2P C . 10.16 -25.26 26.92
N9 G2P C . 9.91 -24.26 28.01
C8 G2P C . 9.92 -24.41 29.41
N7 G2P C . 9.65 -23.32 30.07
C5 G2P C . 9.42 -22.36 29.06
C6 G2P C . 9.05 -20.95 29.13
O6 G2P C . 8.84 -20.25 30.13
N1 G2P C . 8.92 -20.36 27.85
C2 G2P C . 9.12 -21.02 26.64
N2 G2P C . 8.96 -20.31 25.50
N3 G2P C . 9.46 -22.32 26.57
C4 G2P C . 9.59 -22.94 27.81
MG MG D . 3.24 -27.72 33.13
PG G2P E . -13.05 36.60 -21.84
O1G G2P E . -12.44 37.57 -22.73
O2G G2P E . -14.42 36.36 -22.13
O3G G2P E . -13.05 37.21 -20.44
O3B G2P E . -12.10 35.29 -21.83
PB G2P E . -12.38 33.83 -21.11
O1B G2P E . -11.25 33.38 -20.28
O2B G2P E . -13.65 33.71 -20.45
C3A G2P E . -12.45 32.81 -22.59
PA G2P E . -13.25 31.24 -22.25
O1A G2P E . -12.98 30.81 -20.86
O2A G2P E . -14.62 31.26 -22.75
O5' G2P E . -12.34 30.28 -23.08
C5' G2P E . -12.29 30.37 -24.46
C4' G2P E . -11.55 29.17 -25.02
O4' G2P E . -11.67 28.00 -24.15
C3' G2P E . -12.09 28.83 -26.38
O3' G2P E . -11.21 29.43 -27.35
C2' G2P E . -12.14 27.30 -26.35
O2' G2P E . -10.97 26.71 -26.90
C1' G2P E . -12.26 26.91 -24.87
N9 G2P E . -13.66 26.73 -24.37
C8 G2P E . -14.83 27.43 -24.64
N7 G2P E . -15.88 27.02 -24.02
C5 G2P E . -15.42 25.94 -23.25
C6 G2P E . -16.12 25.05 -22.32
O6 G2P E . -17.30 25.06 -21.99
N1 G2P E . -15.27 24.10 -21.74
C2 G2P E . -13.90 23.97 -22.01
N2 G2P E . -13.23 22.99 -21.38
N3 G2P E . -13.26 24.79 -22.88
C4 G2P E . -14.06 25.75 -23.46
MG MG F . -15.64 34.96 -20.61
#